data_4MKR
#
_entry.id   4MKR
#
_cell.length_a   50.930
_cell.length_b   76.340
_cell.length_c   93.450
_cell.angle_alpha   80.150
_cell.angle_beta   89.970
_cell.angle_gamma   85.660
#
_symmetry.space_group_name_H-M   'P 1'
#
loop_
_entity.id
_entity.type
_entity.pdbx_description
1 polymer 'Zingiber officinale double bond reductase'
2 water water
#
_entity_poly.entity_id   1
_entity_poly.type   'polypeptide(L)'
_entity_poly.pdbx_seq_one_letter_code
;MASAEDVVVVNKQVLLKHFIPEGAPKETDMELVTTGTIRLRVPEGSNAVLLKNLYLSCDPYMRMRMTKHEEASYVDDFVP
GAPITGFGVGKVVDSSHPDFKTGDYVWGLIGWEEYSLITKPQGLFKIHHTEIPLSYYTGILGMVGLTAYVGFYDICSPKK
GERVFVSAAAGAVGQIVGQFAKQFGCYVVGSAGSDEKVNLLKTKFGFDEAFNYKKEPDLTKALKRYFPEGIDIYFENVGG
PMLEAVLHNMRIKGRIAACGMISQYNLEKPEGVHNLFLIVGKRIRLEGFLVFDHYGSYPEFEEKVVQLIKEEKIKYLEDI
VEGLENAPAALIGLFEGRNVGKQVVVVSREKGHHHHHH
;
_entity_poly.pdbx_strand_id   A,B,C,D
#
# COMPACT_ATOMS: atom_id res chain seq x y z
N VAL A 7 -67.03 -21.80 8.50
CA VAL A 7 -67.06 -20.86 7.34
C VAL A 7 -66.16 -21.30 6.16
N VAL A 8 -66.78 -21.62 5.04
CA VAL A 8 -66.06 -22.17 3.90
C VAL A 8 -66.32 -21.36 2.63
N VAL A 9 -65.27 -21.24 1.82
CA VAL A 9 -65.20 -20.34 0.66
C VAL A 9 -64.55 -21.07 -0.50
N VAL A 10 -64.91 -20.69 -1.72
CA VAL A 10 -64.30 -21.26 -2.92
C VAL A 10 -62.86 -20.79 -3.02
N ASN A 11 -61.97 -21.74 -3.33
CA ASN A 11 -60.56 -21.42 -3.57
C ASN A 11 -60.04 -22.01 -4.86
N LYS A 12 -60.28 -21.32 -5.96
CA LYS A 12 -59.80 -21.72 -7.24
C LYS A 12 -58.30 -21.78 -7.24
N GLN A 13 -57.72 -22.70 -8.00
CA GLN A 13 -56.28 -22.90 -8.05
C GLN A 13 -55.80 -23.17 -9.47
N VAL A 14 -54.55 -22.83 -9.76
CA VAL A 14 -53.89 -23.16 -11.01
C VAL A 14 -52.77 -24.16 -10.70
N LEU A 15 -52.93 -25.38 -11.20
CA LEU A 15 -52.03 -26.49 -10.91
C LEU A 15 -51.11 -26.76 -12.07
N LEU A 16 -49.95 -27.29 -11.73
CA LEU A 16 -49.07 -27.85 -12.72
C LEU A 16 -49.63 -29.21 -13.05
N LYS A 17 -49.99 -29.38 -14.30
CA LYS A 17 -50.55 -30.63 -14.80
C LYS A 17 -49.47 -31.73 -14.77
N HIS A 18 -48.25 -31.39 -15.20
CA HIS A 18 -47.14 -32.36 -15.25
C HIS A 18 -45.81 -31.69 -15.52
N PHE A 19 -44.73 -32.38 -15.17
CA PHE A 19 -43.38 -31.91 -15.49
C PHE A 19 -43.24 -31.85 -17.01
N ILE A 20 -42.33 -31.02 -17.49
CA ILE A 20 -42.03 -31.00 -18.91
C ILE A 20 -40.51 -31.02 -19.15
N PRO A 21 -40.08 -31.59 -20.28
CA PRO A 21 -38.66 -31.58 -20.64
C PRO A 21 -38.31 -30.37 -21.48
N GLY A 23 -38.67 -28.65 -24.15
CA GLY A 23 -38.84 -27.63 -25.19
C GLY A 23 -39.66 -26.47 -24.69
N ALA A 24 -40.78 -26.17 -25.35
CA ALA A 24 -41.59 -25.00 -24.97
C ALA A 24 -42.73 -25.41 -24.05
N PRO A 25 -43.35 -24.42 -23.34
CA PRO A 25 -44.48 -24.63 -22.46
C PRO A 25 -45.76 -24.14 -23.11
N LYS A 26 -46.91 -24.61 -22.61
CA LYS A 26 -48.20 -24.35 -23.24
C LYS A 26 -49.14 -24.09 -22.10
N GLU A 27 -50.15 -23.27 -22.34
CA GLU A 27 -51.33 -23.13 -21.49
C GLU A 27 -51.90 -24.43 -20.91
N THR A 28 -51.74 -25.52 -21.66
CA THR A 28 -52.32 -26.81 -21.31
C THR A 28 -51.37 -27.59 -20.40
N ASP A 29 -50.18 -27.06 -20.12
CA ASP A 29 -49.33 -27.62 -19.06
C ASP A 29 -49.84 -27.22 -17.69
N MET A 30 -50.77 -26.29 -17.63
CA MET A 30 -51.40 -25.92 -16.36
C MET A 30 -52.88 -26.21 -16.43
N GLU A 31 -53.55 -26.28 -15.29
CA GLU A 31 -55.01 -26.32 -15.29
C GLU A 31 -55.66 -25.60 -14.12
N LEU A 32 -56.75 -24.93 -14.44
CA LEU A 32 -57.59 -24.27 -13.48
C LEU A 32 -58.52 -25.30 -12.92
N VAL A 33 -58.60 -25.41 -11.58
CA VAL A 33 -59.60 -26.24 -10.88
C VAL A 33 -60.48 -25.33 -10.02
N THR A 34 -61.76 -25.59 -9.96
CA THR A 34 -62.70 -24.69 -9.30
C THR A 34 -63.51 -25.44 -8.28
N THR A 35 -63.11 -26.67 -7.98
CA THR A 35 -63.81 -27.52 -7.03
C THR A 35 -62.83 -27.83 -5.90
N GLY A 36 -62.45 -26.76 -5.17
CA GLY A 36 -61.60 -26.80 -4.00
C GLY A 36 -62.09 -25.70 -3.06
N THR A 37 -61.95 -25.93 -1.75
CA THR A 37 -62.49 -25.06 -0.70
C THR A 37 -61.49 -24.75 0.42
N ILE A 38 -61.78 -23.71 1.19
CA ILE A 38 -60.91 -23.35 2.27
C ILE A 38 -61.67 -22.75 3.44
N ARG A 39 -61.29 -23.20 4.64
CA ARG A 39 -61.80 -22.60 5.84
C ARG A 39 -61.18 -21.21 5.87
N LEU A 40 -61.89 -20.20 6.39
CA LEU A 40 -61.38 -18.82 6.46
C LEU A 40 -60.64 -18.58 7.80
N ARG A 41 -60.15 -19.66 8.41
CA ARG A 41 -59.42 -19.61 9.69
C ARG A 41 -58.16 -20.46 9.54
N VAL A 42 -57.09 -20.04 10.21
CA VAL A 42 -55.89 -20.86 10.32
C VAL A 42 -56.08 -22.00 11.35
N PRO A 43 -55.37 -23.14 11.16
CA PRO A 43 -55.58 -24.26 12.07
C PRO A 43 -55.43 -23.86 13.51
N GLU A 44 -56.33 -24.37 14.35
CA GLU A 44 -56.29 -24.11 15.78
C GLU A 44 -55.00 -24.69 16.32
N GLY A 45 -54.13 -23.83 16.82
CA GLY A 45 -52.79 -24.26 17.17
C GLY A 45 -51.51 -24.03 16.37
N SER A 46 -51.65 -23.37 15.23
CA SER A 46 -50.47 -23.10 14.39
C SER A 46 -50.23 -21.63 14.56
N ASN A 47 -49.05 -21.14 14.19
CA ASN A 47 -48.79 -19.69 14.42
C ASN A 47 -48.94 -18.97 13.08
N ALA A 48 -49.91 -19.39 12.30
CA ALA A 48 -49.93 -19.12 10.86
C ALA A 48 -50.73 -17.89 10.41
N VAL A 49 -50.71 -17.65 9.10
CA VAL A 49 -51.57 -16.63 8.50
C VAL A 49 -52.23 -17.11 7.22
N LEU A 50 -53.49 -16.75 7.09
CA LEU A 50 -54.26 -17.04 5.90
C LEU A 50 -54.30 -15.76 5.10
N LEU A 51 -53.95 -15.83 3.81
CA LEU A 51 -53.93 -14.63 2.97
C LEU A 51 -55.00 -14.72 1.93
N LYS A 52 -55.59 -13.57 1.63
CA LYS A 52 -56.33 -13.41 0.41
C LYS A 52 -55.37 -12.87 -0.62
N ASN A 53 -55.17 -13.60 -1.70
CA ASN A 53 -54.16 -13.28 -2.68
C ASN A 53 -54.74 -12.28 -3.65
N LEU A 54 -53.95 -11.22 -3.94
CA LEU A 54 -54.36 -10.08 -4.76
C LEU A 54 -53.65 -10.11 -6.10
N TYR A 55 -52.32 -10.22 -6.06
CA TYR A 55 -51.50 -10.19 -7.29
C TYR A 55 -50.45 -11.27 -7.35
N LEU A 56 -50.22 -11.77 -8.55
CA LEU A 56 -49.21 -12.75 -8.81
C LEU A 56 -48.26 -12.30 -9.89
N SER A 57 -46.97 -12.54 -9.67
CA SER A 57 -45.92 -12.24 -10.63
C SER A 57 -45.62 -13.47 -11.52
N CYS A 58 -45.33 -13.18 -12.77
CA CYS A 58 -44.83 -14.14 -13.74
C CYS A 58 -43.35 -13.75 -13.93
N ASP A 59 -42.42 -14.60 -13.57
CA ASP A 59 -41.00 -14.28 -13.65
C ASP A 59 -40.34 -15.42 -14.42
N PRO A 60 -39.34 -15.08 -15.22
CA PRO A 60 -38.68 -16.10 -16.07
C PRO A 60 -38.07 -17.29 -15.34
N TYR A 61 -37.68 -17.16 -14.07
CA TYR A 61 -37.03 -18.30 -13.40
C TYR A 61 -38.05 -19.38 -13.24
N MET A 62 -39.36 -19.08 -13.32
CA MET A 62 -40.44 -20.12 -13.17
C MET A 62 -40.48 -21.24 -14.25
N ARG A 63 -39.73 -21.05 -15.32
CA ARG A 63 -39.57 -22.04 -16.40
C ARG A 63 -38.88 -23.26 -15.88
N MET A 64 -37.81 -23.04 -15.12
CA MET A 64 -37.03 -24.12 -14.54
C MET A 64 -37.78 -25.05 -13.61
N ARG A 65 -38.71 -24.46 -12.88
CA ARG A 65 -39.48 -25.19 -11.90
C ARG A 65 -40.47 -26.16 -12.55
N MET A 66 -40.68 -26.03 -13.87
CA MET A 66 -41.61 -26.91 -14.62
C MET A 66 -40.94 -28.18 -15.17
N THR A 67 -39.61 -28.21 -15.08
CA THR A 67 -38.78 -29.32 -15.50
C THR A 67 -38.11 -29.91 -14.29
N LYS A 68 -37.96 -31.25 -14.28
CA LYS A 68 -37.45 -31.99 -13.15
C LYS A 68 -35.93 -32.01 -13.19
N TYR A 74 -31.01 -25.82 -9.51
CA TYR A 74 -31.22 -26.72 -8.38
C TYR A 74 -32.12 -26.01 -7.36
N VAL A 75 -33.05 -25.21 -7.86
CA VAL A 75 -34.00 -24.56 -7.00
C VAL A 75 -35.08 -25.59 -6.76
N ASP A 76 -36.15 -25.19 -6.09
CA ASP A 76 -37.25 -26.09 -5.78
C ASP A 76 -38.11 -26.38 -7.01
N ASP A 77 -38.35 -27.66 -7.29
CA ASP A 77 -39.20 -28.07 -8.41
C ASP A 77 -40.63 -27.72 -8.06
N PHE A 78 -41.47 -27.51 -9.09
CA PHE A 78 -42.91 -27.48 -8.85
C PHE A 78 -43.33 -28.92 -8.58
N VAL A 79 -44.57 -29.12 -8.17
CA VAL A 79 -45.10 -30.46 -7.95
C VAL A 79 -46.31 -30.65 -8.86
N PRO A 80 -46.37 -31.76 -9.60
CA PRO A 80 -47.57 -32.06 -10.38
C PRO A 80 -48.79 -32.40 -9.53
N GLY A 81 -49.91 -31.83 -9.96
CA GLY A 81 -51.12 -31.89 -9.23
C GLY A 81 -51.22 -30.84 -8.14
N ALA A 82 -50.19 -30.03 -7.90
CA ALA A 82 -50.31 -28.96 -6.88
C ALA A 82 -50.34 -27.49 -7.46
N PRO A 83 -50.88 -26.53 -6.69
CA PRO A 83 -50.88 -25.15 -7.15
C PRO A 83 -49.49 -24.74 -7.56
N ILE A 84 -49.40 -24.11 -8.72
CA ILE A 84 -48.23 -23.35 -9.06
C ILE A 84 -48.02 -22.28 -7.99
N THR A 85 -46.77 -22.06 -7.61
CA THR A 85 -46.41 -21.06 -6.63
C THR A 85 -45.40 -20.07 -7.18
N GLY A 86 -45.35 -18.92 -6.53
CA GLY A 86 -44.50 -17.85 -6.96
C GLY A 86 -44.74 -16.60 -6.16
N PHE A 87 -44.00 -15.56 -6.46
CA PHE A 87 -44.10 -14.32 -5.69
C PHE A 87 -45.41 -13.59 -6.01
N GLY A 88 -45.91 -12.89 -5.00
CA GLY A 88 -47.16 -12.16 -5.10
C GLY A 88 -47.44 -11.35 -3.86
N VAL A 89 -48.66 -10.80 -3.80
CA VAL A 89 -49.07 -9.90 -2.75
C VAL A 89 -50.39 -10.38 -2.20
N GLY A 90 -50.54 -10.28 -0.89
CA GLY A 90 -51.79 -10.67 -0.29
C GLY A 90 -52.22 -9.78 0.88
N LYS A 91 -53.44 -10.00 1.30
CA LYS A 91 -54.01 -9.36 2.44
C LYS A 91 -54.24 -10.42 3.54
N VAL A 92 -53.93 -10.05 4.78
CA VAL A 92 -54.14 -10.94 5.89
C VAL A 92 -55.61 -10.96 6.29
N VAL A 93 -56.22 -12.14 6.17
CA VAL A 93 -57.60 -12.43 6.51
C VAL A 93 -57.69 -12.89 7.93
N ASP A 94 -56.72 -13.72 8.34
CA ASP A 94 -56.68 -14.24 9.69
C ASP A 94 -55.25 -14.59 10.06
N SER A 95 -54.89 -14.28 11.29
CA SER A 95 -53.53 -14.55 11.73
C SER A 95 -53.54 -14.88 13.21
N SER A 96 -52.90 -16.00 13.55
CA SER A 96 -52.63 -16.36 14.93
C SER A 96 -51.11 -16.22 15.20
N HIS A 97 -50.42 -15.48 14.33
CA HIS A 97 -49.00 -15.09 14.51
C HIS A 97 -48.81 -13.68 15.12
N PRO A 98 -47.86 -13.52 16.07
CA PRO A 98 -47.78 -12.18 16.69
C PRO A 98 -47.46 -10.97 15.77
N ASP A 99 -46.79 -11.19 14.64
CA ASP A 99 -46.31 -10.10 13.78
C ASP A 99 -47.25 -9.74 12.62
N PHE A 100 -48.41 -10.38 12.53
CA PHE A 100 -49.38 -10.02 11.49
C PHE A 100 -50.77 -9.92 12.08
N LYS A 101 -51.59 -9.08 11.50
CA LYS A 101 -52.95 -8.99 11.95
C LYS A 101 -53.85 -8.71 10.75
N THR A 102 -55.16 -8.86 10.95
CA THR A 102 -56.14 -8.72 9.90
C THR A 102 -56.02 -7.39 9.17
N GLY A 103 -55.96 -7.45 7.86
CA GLY A 103 -55.82 -6.22 7.06
C GLY A 103 -54.40 -5.89 6.64
N ASP A 104 -53.39 -6.44 7.32
CA ASP A 104 -52.01 -6.22 6.91
C ASP A 104 -51.83 -6.69 5.45
N TYR A 105 -51.06 -5.91 4.65
CA TYR A 105 -50.66 -6.33 3.28
C TYR A 105 -49.23 -6.86 3.27
N VAL A 106 -49.00 -7.90 2.47
CA VAL A 106 -47.74 -8.62 2.48
C VAL A 106 -47.37 -9.11 1.10
N TRP A 107 -46.10 -9.38 0.93
CA TRP A 107 -45.65 -10.04 -0.23
C TRP A 107 -44.74 -11.18 0.16
N GLY A 108 -44.60 -12.13 -0.76
CA GLY A 108 -43.86 -13.34 -0.50
C GLY A 108 -44.18 -14.42 -1.46
N LEU A 109 -43.82 -15.66 -1.11
CA LEU A 109 -44.04 -16.86 -1.89
C LEU A 109 -45.46 -17.36 -1.57
N ILE A 110 -46.35 -17.36 -2.57
CA ILE A 110 -47.73 -17.75 -2.35
C ILE A 110 -48.16 -18.64 -3.50
N GLY A 111 -49.31 -19.28 -3.33
CA GLY A 111 -49.85 -20.16 -4.33
C GLY A 111 -50.61 -19.44 -5.41
N TRP A 112 -50.76 -20.12 -6.53
CA TRP A 112 -51.54 -19.61 -7.64
C TRP A 112 -52.96 -20.04 -7.35
N GLU A 113 -53.61 -19.22 -6.51
CA GLU A 113 -54.91 -19.54 -5.93
C GLU A 113 -55.52 -18.27 -5.26
N GLU A 114 -56.77 -18.38 -4.76
CA GLU A 114 -57.45 -17.22 -4.20
C GLU A 114 -57.08 -16.99 -2.75
N TYR A 115 -56.71 -18.07 -2.07
CA TYR A 115 -56.33 -18.04 -0.65
C TYR A 115 -55.12 -18.97 -0.37
N SER A 116 -54.14 -18.50 0.41
CA SER A 116 -52.96 -19.29 0.77
C SER A 116 -52.76 -19.32 2.26
N LEU A 117 -52.63 -20.50 2.82
CA LEU A 117 -52.30 -20.60 4.23
C LEU A 117 -50.78 -20.59 4.30
N ILE A 118 -50.19 -19.56 4.91
CA ILE A 118 -48.75 -19.48 5.10
C ILE A 118 -48.43 -20.07 6.44
N THR A 119 -47.92 -21.28 6.37
CA THR A 119 -47.44 -22.01 7.54
C THR A 119 -46.24 -21.41 8.27
N LYS A 120 -45.37 -20.74 7.50
CA LYS A 120 -44.16 -20.09 7.98
C LYS A 120 -44.24 -18.59 7.69
N PRO A 121 -44.98 -17.84 8.52
CA PRO A 121 -45.17 -16.41 8.24
C PRO A 121 -43.92 -15.56 8.17
N GLN A 122 -42.85 -16.02 8.82
CA GLN A 122 -41.58 -15.32 8.78
C GLN A 122 -40.96 -15.24 7.34
N GLY A 123 -41.51 -15.94 6.38
CA GLY A 123 -41.08 -15.81 4.97
C GLY A 123 -41.77 -14.66 4.25
N LEU A 124 -42.71 -14.00 4.92
CA LEU A 124 -43.44 -12.87 4.38
C LEU A 124 -42.75 -11.53 4.64
N PHE A 125 -42.86 -10.60 3.68
CA PHE A 125 -42.38 -9.23 3.85
C PHE A 125 -43.60 -8.33 4.08
N LYS A 126 -43.50 -7.45 5.08
CA LYS A 126 -44.63 -6.56 5.39
C LYS A 126 -44.61 -5.40 4.42
N ILE A 127 -45.73 -5.05 3.81
CA ILE A 127 -45.78 -3.90 2.91
C ILE A 127 -46.04 -2.68 3.79
N HIS A 128 -45.06 -1.77 3.90
CA HIS A 128 -45.24 -0.56 4.76
C HIS A 128 -45.86 0.63 3.99
N HIS A 129 -45.91 0.52 2.69
CA HIS A 129 -46.30 1.63 1.88
C HIS A 129 -47.50 1.28 1.01
N THR A 130 -48.66 1.13 1.65
CA THR A 130 -49.87 0.82 0.95
C THR A 130 -50.39 1.98 0.14
N GLU A 131 -49.67 3.09 0.05
CA GLU A 131 -50.08 4.24 -0.81
C GLU A 131 -49.51 4.21 -2.25
N ILE A 132 -48.63 3.26 -2.52
CA ILE A 132 -48.08 3.06 -3.86
C ILE A 132 -48.69 1.77 -4.40
N PRO A 133 -49.18 1.78 -5.63
CA PRO A 133 -49.96 0.62 -6.07
C PRO A 133 -49.33 -0.73 -5.56
N LEU A 134 -50.12 -1.57 -4.88
CA LEU A 134 -49.70 -2.84 -4.38
C LEU A 134 -49.13 -3.86 -5.39
N SER A 135 -49.51 -3.79 -6.64
CA SER A 135 -48.92 -4.61 -7.65
C SER A 135 -47.40 -4.30 -7.84
N TYR A 136 -46.94 -3.11 -7.41
CA TYR A 136 -45.52 -2.80 -7.47
C TYR A 136 -44.69 -3.80 -6.66
N TYR A 137 -45.28 -4.33 -5.59
CA TYR A 137 -44.57 -5.26 -4.71
C TYR A 137 -44.46 -6.64 -5.34
N THR A 138 -45.03 -6.81 -6.53
CA THR A 138 -44.75 -8.03 -7.32
C THR A 138 -43.52 -7.88 -8.23
N GLY A 139 -43.01 -6.66 -8.40
CA GLY A 139 -41.87 -6.38 -9.29
C GLY A 139 -40.96 -5.41 -8.58
N ILE A 140 -40.94 -4.18 -9.09
CA ILE A 140 -40.02 -3.15 -8.63
C ILE A 140 -39.84 -2.97 -7.14
N LEU A 141 -40.82 -3.32 -6.34
CA LEU A 141 -40.60 -3.17 -4.90
C LEU A 141 -40.63 -4.57 -4.35
N GLY A 142 -40.54 -5.54 -5.26
CA GLY A 142 -40.46 -6.96 -4.92
C GLY A 142 -39.13 -7.64 -5.25
N MET A 143 -39.22 -8.95 -5.48
CA MET A 143 -38.08 -9.80 -5.78
C MET A 143 -37.28 -9.29 -6.99
N VAL A 144 -38.01 -8.85 -8.00
CA VAL A 144 -37.43 -8.32 -9.23
C VAL A 144 -36.54 -7.09 -8.99
N GLY A 145 -37.12 -6.11 -8.30
CA GLY A 145 -36.40 -4.91 -7.95
C GLY A 145 -35.25 -5.25 -7.03
N LEU A 146 -35.46 -6.11 -6.06
CA LEU A 146 -34.38 -6.46 -5.13
C LEU A 146 -33.23 -7.20 -5.85
N THR A 147 -33.54 -8.03 -6.84
CA THR A 147 -32.55 -8.64 -7.72
C THR A 147 -31.63 -7.62 -8.41
N ALA A 148 -32.24 -6.61 -8.99
CA ALA A 148 -31.52 -5.57 -9.71
C ALA A 148 -30.60 -4.79 -8.74
N TYR A 149 -31.13 -4.52 -7.54
CA TYR A 149 -30.45 -3.69 -6.54
C TYR A 149 -29.15 -4.38 -6.08
N VAL A 150 -29.27 -5.61 -5.61
CA VAL A 150 -28.12 -6.30 -5.10
C VAL A 150 -27.21 -6.65 -6.27
N GLY A 151 -27.75 -6.99 -7.44
CA GLY A 151 -26.87 -7.33 -8.59
C GLY A 151 -26.02 -6.18 -9.07
N PHE A 152 -26.60 -4.99 -9.10
CA PHE A 152 -25.90 -3.82 -9.56
C PHE A 152 -25.07 -3.18 -8.47
N TYR A 153 -25.66 -2.84 -7.35
CA TYR A 153 -24.92 -2.06 -6.34
C TYR A 153 -23.86 -2.88 -5.65
N ASP A 154 -24.15 -4.17 -5.42
CA ASP A 154 -23.19 -5.06 -4.80
C ASP A 154 -22.23 -5.81 -5.72
N ILE A 155 -22.79 -6.58 -6.63
CA ILE A 155 -22.03 -7.59 -7.37
C ILE A 155 -21.21 -6.89 -8.46
N CYS A 156 -21.74 -5.81 -9.06
CA CYS A 156 -20.99 -5.08 -10.07
C CYS A 156 -19.89 -4.15 -9.53
N SER A 157 -19.95 -3.79 -8.23
CA SER A 157 -19.03 -2.77 -7.64
C SER A 157 -18.86 -1.56 -8.52
N PRO A 158 -19.96 -0.94 -8.94
CA PRO A 158 -19.84 0.14 -9.91
C PRO A 158 -19.24 1.43 -9.32
N LYS A 159 -18.70 2.24 -10.22
CA LYS A 159 -18.22 3.58 -9.96
C LYS A 159 -18.80 4.52 -10.99
N LYS A 160 -19.02 5.77 -10.58
CA LYS A 160 -19.54 6.82 -11.46
C LYS A 160 -18.73 6.89 -12.78
N GLY A 161 -19.42 7.09 -13.89
CA GLY A 161 -18.74 7.25 -15.18
C GLY A 161 -18.42 5.95 -15.90
N GLU A 162 -18.67 4.83 -15.28
CA GLU A 162 -18.35 3.56 -15.91
C GLU A 162 -19.42 3.16 -16.95
N ARG A 163 -19.05 2.16 -17.72
CA ARG A 163 -19.72 1.85 -18.95
C ARG A 163 -20.38 0.50 -18.76
N VAL A 164 -21.71 0.52 -18.85
CA VAL A 164 -22.55 -0.61 -18.42
C VAL A 164 -23.36 -1.15 -19.58
N PHE A 165 -23.32 -2.46 -19.75
CA PHE A 165 -24.19 -3.16 -20.68
C PHE A 165 -25.18 -4.11 -19.96
N VAL A 166 -26.43 -4.02 -20.38
CA VAL A 166 -27.48 -4.83 -19.82
C VAL A 166 -28.13 -5.70 -20.92
N SER A 167 -27.96 -7.02 -20.85
CA SER A 167 -28.70 -7.94 -21.70
C SER A 167 -30.09 -8.26 -21.16
N ALA A 168 -31.02 -8.53 -22.09
CA ALA A 168 -32.48 -8.61 -21.77
C ALA A 168 -32.97 -7.32 -21.12
N ALA A 169 -32.30 -6.24 -21.45
CA ALA A 169 -32.60 -4.98 -20.84
C ALA A 169 -34.07 -4.61 -20.79
N ALA A 170 -34.84 -5.13 -21.74
CA ALA A 170 -36.30 -4.84 -21.78
C ALA A 170 -37.05 -5.58 -20.67
N GLY A 171 -36.47 -6.67 -20.16
CA GLY A 171 -37.11 -7.52 -19.12
C GLY A 171 -37.27 -6.72 -17.84
N ALA A 172 -38.00 -7.30 -16.89
CA ALA A 172 -38.27 -6.53 -15.66
C ALA A 172 -36.99 -6.15 -14.91
N VAL A 173 -36.06 -7.09 -14.73
CA VAL A 173 -34.83 -6.78 -13.99
C VAL A 173 -33.92 -5.81 -14.72
N GLY A 174 -33.69 -6.07 -16.00
CA GLY A 174 -32.83 -5.22 -16.80
C GLY A 174 -33.24 -3.77 -16.78
N GLN A 175 -34.52 -3.50 -17.01
CA GLN A 175 -35.00 -2.10 -17.02
C GLN A 175 -34.65 -1.37 -15.74
N ILE A 176 -34.70 -2.08 -14.63
CA ILE A 176 -34.42 -1.49 -13.36
C ILE A 176 -32.93 -1.30 -13.13
N VAL A 177 -32.13 -2.32 -13.46
CA VAL A 177 -30.67 -2.20 -13.43
C VAL A 177 -30.17 -0.94 -14.21
N GLY A 178 -30.67 -0.80 -15.42
CA GLY A 178 -30.32 0.37 -16.23
C GLY A 178 -30.60 1.73 -15.61
N GLN A 179 -31.73 1.86 -14.94
CA GLN A 179 -32.08 3.13 -14.28
C GLN A 179 -31.30 3.35 -13.03
N PHE A 180 -31.01 2.29 -12.27
CA PHE A 180 -30.08 2.42 -11.12
C PHE A 180 -28.72 2.87 -11.65
N ALA A 181 -28.33 2.36 -12.80
CA ALA A 181 -27.02 2.71 -13.38
C ALA A 181 -27.00 4.12 -13.96
N LYS A 182 -28.07 4.51 -14.64
CA LYS A 182 -28.12 5.86 -15.11
C LYS A 182 -28.08 6.81 -13.89
N GLN A 183 -28.93 6.56 -12.89
CA GLN A 183 -28.95 7.37 -11.67
C GLN A 183 -27.57 7.44 -10.96
N PHE A 184 -26.75 6.43 -11.17
CA PHE A 184 -25.45 6.35 -10.52
C PHE A 184 -24.39 7.13 -11.25
N GLY A 185 -24.71 7.63 -12.44
CA GLY A 185 -23.75 8.36 -13.30
C GLY A 185 -23.01 7.49 -14.33
N CYS A 186 -23.55 6.31 -14.66
CA CYS A 186 -22.93 5.44 -15.64
C CYS A 186 -23.48 5.66 -17.07
N TYR A 187 -22.63 5.34 -18.03
CA TYR A 187 -23.03 5.26 -19.41
C TYR A 187 -23.68 3.89 -19.55
N VAL A 188 -24.85 3.83 -20.16
CA VAL A 188 -25.67 2.63 -20.15
C VAL A 188 -26.26 2.26 -21.53
N VAL A 189 -26.03 1.02 -21.92
CA VAL A 189 -26.50 0.49 -23.19
C VAL A 189 -27.21 -0.80 -22.88
N GLY A 190 -28.22 -1.13 -23.68
CA GLY A 190 -29.02 -2.31 -23.40
C GLY A 190 -29.42 -3.08 -24.63
N SER A 191 -29.79 -4.32 -24.43
CA SER A 191 -30.12 -5.24 -25.49
C SER A 191 -31.58 -5.73 -25.33
N ALA A 192 -32.32 -5.80 -26.44
CA ALA A 192 -33.65 -6.41 -26.45
C ALA A 192 -33.94 -7.12 -27.78
N GLY A 193 -35.07 -7.82 -27.84
CA GLY A 193 -35.44 -8.65 -29.00
C GLY A 193 -36.51 -8.06 -29.94
N SER A 194 -36.83 -6.77 -29.83
CA SER A 194 -37.79 -6.14 -30.74
C SER A 194 -37.64 -4.63 -30.74
N ASP A 195 -37.95 -4.01 -31.88
CA ASP A 195 -37.80 -2.56 -32.04
C ASP A 195 -38.66 -1.79 -31.04
N GLU A 196 -39.88 -2.26 -30.80
CA GLU A 196 -40.76 -1.61 -29.87
C GLU A 196 -40.03 -1.47 -28.52
N LYS A 197 -39.37 -2.53 -28.07
CA LYS A 197 -38.67 -2.51 -26.78
C LYS A 197 -37.38 -1.72 -26.78
N VAL A 198 -36.60 -1.78 -27.86
CA VAL A 198 -35.39 -0.97 -27.98
C VAL A 198 -35.70 0.53 -27.85
N ASN A 199 -36.80 0.95 -28.46
CA ASN A 199 -37.20 2.34 -28.38
C ASN A 199 -37.64 2.72 -26.94
N LEU A 200 -38.41 1.87 -26.26
CA LEU A 200 -38.83 2.18 -24.91
C LEU A 200 -37.67 2.36 -23.92
N LEU A 201 -36.61 1.57 -24.06
CA LEU A 201 -35.41 1.71 -23.22
C LEU A 201 -34.69 3.08 -23.35
N LYS A 202 -34.66 3.58 -24.57
CA LYS A 202 -34.25 4.94 -24.82
C LYS A 202 -35.29 6.00 -24.39
N THR A 203 -36.58 5.84 -24.75
CA THR A 203 -37.62 6.89 -24.52
C THR A 203 -38.33 6.85 -23.17
N LYS A 204 -38.51 5.68 -22.60
CA LYS A 204 -39.05 5.58 -21.25
C LYS A 204 -37.94 5.58 -20.27
N PHE A 205 -37.00 4.64 -20.44
CA PHE A 205 -36.14 4.10 -19.33
C PHE A 205 -34.72 4.68 -19.20
N GLY A 206 -34.45 5.81 -19.84
CA GLY A 206 -33.19 6.51 -19.66
C GLY A 206 -31.90 5.89 -20.23
N PHE A 207 -32.01 4.77 -20.97
CA PHE A 207 -30.80 4.16 -21.53
C PHE A 207 -30.18 5.09 -22.56
N ASP A 208 -28.87 5.23 -22.54
CA ASP A 208 -28.18 5.98 -23.58
C ASP A 208 -28.36 5.37 -24.94
N GLU A 209 -28.17 4.06 -25.04
CA GLU A 209 -28.43 3.36 -26.30
C GLU A 209 -28.94 1.93 -26.15
N ALA A 210 -29.33 1.35 -27.24
CA ALA A 210 -30.05 0.12 -27.20
C ALA A 210 -30.06 -0.41 -28.61
N PHE A 211 -29.96 -1.74 -28.73
CA PHE A 211 -30.18 -2.44 -30.00
C PHE A 211 -31.00 -3.73 -29.90
N ASN A 212 -31.57 -4.12 -31.05
CA ASN A 212 -32.24 -5.40 -31.22
C ASN A 212 -31.19 -6.48 -31.52
N TYR A 213 -30.97 -7.44 -30.62
CA TYR A 213 -29.91 -8.43 -30.86
C TYR A 213 -30.21 -9.21 -32.13
N LYS A 214 -31.47 -9.29 -32.52
CA LYS A 214 -31.89 -10.04 -33.69
C LYS A 214 -31.63 -9.35 -35.00
N LYS A 215 -31.55 -8.02 -35.02
CA LYS A 215 -31.22 -7.30 -36.27
C LYS A 215 -29.72 -7.42 -36.59
N GLU A 216 -28.93 -7.86 -35.62
CA GLU A 216 -27.48 -7.81 -35.71
C GLU A 216 -26.96 -9.18 -36.06
N PRO A 217 -26.12 -9.26 -37.11
CA PRO A 217 -25.51 -10.55 -37.46
C PRO A 217 -24.28 -10.90 -36.63
N ASP A 218 -23.63 -9.89 -36.05
CA ASP A 218 -22.36 -10.08 -35.32
C ASP A 218 -22.43 -9.28 -34.03
N LEU A 219 -22.71 -9.98 -32.94
CA LEU A 219 -22.89 -9.31 -31.66
C LEU A 219 -21.62 -8.58 -31.20
N THR A 220 -20.45 -9.12 -31.50
CA THR A 220 -19.17 -8.50 -31.13
C THR A 220 -19.04 -7.14 -31.78
N LYS A 221 -19.30 -7.08 -33.08
CA LYS A 221 -19.20 -5.82 -33.81
C LYS A 221 -20.22 -4.77 -33.32
N ALA A 222 -21.42 -5.26 -33.02
CA ALA A 222 -22.47 -4.42 -32.47
C ALA A 222 -22.03 -3.78 -31.19
N LEU A 223 -21.56 -4.59 -30.25
CA LEU A 223 -21.14 -4.03 -28.97
C LEU A 223 -20.00 -3.03 -29.13
N LYS A 224 -19.10 -3.30 -30.08
CA LYS A 224 -18.03 -2.35 -30.44
C LYS A 224 -18.61 -0.97 -30.81
N ARG A 225 -19.67 -1.02 -31.60
CA ARG A 225 -20.31 0.18 -32.10
C ARG A 225 -20.78 1.06 -30.97
N TYR A 226 -21.39 0.46 -29.94
CA TYR A 226 -21.91 1.26 -28.78
C TYR A 226 -20.86 1.54 -27.69
N PHE A 227 -19.76 0.79 -27.70
CA PHE A 227 -18.73 0.91 -26.68
C PHE A 227 -17.31 1.05 -27.29
N PRO A 228 -16.99 2.24 -27.85
CA PRO A 228 -15.71 2.43 -28.53
C PRO A 228 -14.51 2.16 -27.64
N GLU A 229 -14.63 2.61 -26.39
CA GLU A 229 -13.59 2.42 -25.37
C GLU A 229 -13.81 1.17 -24.52
N GLY A 230 -14.71 0.27 -24.96
CA GLY A 230 -14.99 -1.00 -24.26
C GLY A 230 -15.99 -0.95 -23.11
N ILE A 231 -16.27 -2.11 -22.51
CA ILE A 231 -17.24 -2.30 -21.41
C ILE A 231 -16.57 -2.57 -20.03
N ASP A 232 -16.97 -1.80 -19.02
CA ASP A 232 -16.57 -2.02 -17.63
C ASP A 232 -17.46 -3.03 -16.87
N ILE A 233 -18.76 -2.98 -17.12
CA ILE A 233 -19.75 -3.76 -16.37
C ILE A 233 -20.79 -4.43 -17.28
N TYR A 234 -20.98 -5.75 -17.08
CA TYR A 234 -22.02 -6.49 -17.78
C TYR A 234 -23.00 -7.09 -16.78
N PHE A 235 -24.26 -6.69 -16.88
CA PHE A 235 -25.31 -7.32 -16.07
C PHE A 235 -25.86 -8.43 -16.92
N GLU A 236 -25.65 -9.66 -16.50
CA GLU A 236 -25.84 -10.84 -17.36
C GLU A 236 -27.17 -11.51 -17.00
N ASN A 237 -28.04 -11.66 -18.00
CA ASN A 237 -29.33 -12.36 -17.94
C ASN A 237 -29.45 -13.45 -19.00
N VAL A 238 -28.44 -13.62 -19.86
CA VAL A 238 -28.64 -14.35 -21.12
C VAL A 238 -27.59 -15.43 -21.40
N GLY A 239 -26.32 -15.04 -21.42
CA GLY A 239 -25.23 -15.98 -21.62
C GLY A 239 -24.95 -16.24 -23.08
N GLY A 240 -24.13 -17.27 -23.30
CA GLY A 240 -23.86 -17.78 -24.63
C GLY A 240 -23.11 -16.79 -25.50
N PRO A 241 -23.50 -16.70 -26.76
CA PRO A 241 -22.78 -15.79 -27.67
C PRO A 241 -22.79 -14.35 -27.17
N MET A 242 -23.88 -13.91 -26.55
CA MET A 242 -23.87 -12.54 -26.05
C MET A 242 -22.73 -12.38 -25.07
N LEU A 243 -22.52 -13.36 -24.19
CA LEU A 243 -21.39 -13.30 -23.25
C LEU A 243 -20.03 -13.28 -23.95
N GLU A 244 -19.89 -14.06 -25.03
CA GLU A 244 -18.66 -14.04 -25.75
C GLU A 244 -18.42 -12.66 -26.33
N ALA A 245 -19.49 -12.06 -26.85
CA ALA A 245 -19.40 -10.75 -27.44
C ALA A 245 -19.01 -9.71 -26.38
N VAL A 246 -19.55 -9.81 -25.17
CA VAL A 246 -19.10 -8.95 -24.05
C VAL A 246 -17.62 -9.15 -23.71
N LEU A 247 -17.18 -10.39 -23.57
CA LEU A 247 -15.80 -10.61 -23.20
C LEU A 247 -14.84 -10.00 -24.21
N HIS A 248 -15.14 -10.12 -25.49
CA HIS A 248 -14.29 -9.47 -26.52
C HIS A 248 -14.26 -7.97 -26.36
N ASN A 249 -15.38 -7.38 -25.95
CA ASN A 249 -15.46 -5.92 -25.79
C ASN A 249 -15.26 -5.41 -24.34
N MET A 250 -14.79 -6.27 -23.43
CA MET A 250 -14.66 -5.87 -22.00
C MET A 250 -13.30 -5.24 -21.67
N ARG A 251 -13.34 -4.24 -20.81
CA ARG A 251 -12.17 -3.51 -20.40
C ARG A 251 -11.44 -4.23 -19.29
N ILE A 252 -10.22 -3.77 -19.00
CA ILE A 252 -9.39 -4.32 -17.93
C ILE A 252 -10.17 -4.17 -16.66
N LYS A 253 -10.07 -5.18 -15.82
CA LYS A 253 -10.77 -5.19 -14.52
C LYS A 253 -12.30 -5.07 -14.59
N GLY A 254 -12.89 -5.46 -15.71
CA GLY A 254 -14.34 -5.40 -15.87
C GLY A 254 -15.07 -6.41 -14.99
N ARG A 255 -16.39 -6.28 -14.90
CA ARG A 255 -17.12 -7.06 -13.92
C ARG A 255 -18.43 -7.52 -14.50
N ILE A 256 -18.75 -8.78 -14.27
CA ILE A 256 -19.95 -9.41 -14.80
C ILE A 256 -20.74 -10.01 -13.66
N ALA A 257 -21.98 -9.54 -13.53
CA ALA A 257 -22.84 -10.05 -12.49
C ALA A 257 -23.72 -11.00 -13.20
N ALA A 258 -23.60 -12.29 -12.84
CA ALA A 258 -24.34 -13.33 -13.53
C ALA A 258 -25.62 -13.57 -12.73
N CYS A 259 -26.70 -12.99 -13.26
CA CYS A 259 -28.01 -13.05 -12.66
C CYS A 259 -28.81 -14.22 -13.26
N GLY A 260 -28.69 -14.41 -14.57
CA GLY A 260 -29.33 -15.51 -15.25
C GLY A 260 -28.66 -15.81 -16.56
N MET A 261 -28.89 -17.00 -17.08
CA MET A 261 -28.28 -17.42 -18.33
C MET A 261 -29.23 -18.19 -19.24
N GLU A 271 -25.39 -21.84 -26.36
CA GLU A 271 -24.95 -22.82 -25.37
C GLU A 271 -23.53 -22.49 -24.90
N GLY A 272 -22.53 -22.66 -25.79
CA GLY A 272 -21.11 -22.70 -25.40
C GLY A 272 -20.24 -21.46 -25.51
N VAL A 273 -19.40 -21.23 -24.49
CA VAL A 273 -18.49 -20.06 -24.44
C VAL A 273 -17.00 -20.45 -24.59
N HIS A 274 -16.34 -19.94 -25.61
CA HIS A 274 -14.99 -20.35 -25.96
C HIS A 274 -14.02 -19.24 -25.73
N ASN A 275 -14.51 -18.27 -25.03
CA ASN A 275 -13.93 -16.98 -24.95
C ASN A 275 -13.28 -16.71 -23.59
N LEU A 276 -13.46 -17.60 -22.64
CA LEU A 276 -13.16 -17.37 -21.22
C LEU A 276 -11.72 -17.06 -20.91
N PHE A 277 -10.77 -17.54 -21.70
CA PHE A 277 -9.35 -17.24 -21.41
C PHE A 277 -9.12 -15.74 -21.36
N LEU A 278 -9.94 -14.98 -22.06
CA LEU A 278 -9.84 -13.50 -21.96
C LEU A 278 -9.99 -12.97 -20.52
N ILE A 279 -10.60 -13.77 -19.67
CA ILE A 279 -10.81 -13.44 -18.26
C ILE A 279 -9.47 -13.23 -17.55
N VAL A 280 -8.43 -13.90 -18.05
CA VAL A 280 -7.12 -13.85 -17.44
C VAL A 280 -6.40 -12.55 -17.77
N GLY A 281 -6.18 -12.29 -19.06
CA GLY A 281 -5.50 -11.08 -19.52
C GLY A 281 -6.27 -9.80 -19.25
N LYS A 282 -7.58 -9.88 -19.10
CA LYS A 282 -8.39 -8.69 -18.76
C LYS A 282 -8.73 -8.58 -17.27
N ARG A 283 -8.35 -9.57 -16.48
CA ARG A 283 -8.59 -9.53 -15.03
C ARG A 283 -10.05 -9.33 -14.68
N ILE A 284 -10.89 -10.11 -15.37
CA ILE A 284 -12.34 -10.00 -15.26
C ILE A 284 -12.89 -10.85 -14.10
N ARG A 285 -13.86 -10.29 -13.38
CA ARG A 285 -14.59 -11.00 -12.31
C ARG A 285 -15.96 -11.37 -12.83
N LEU A 286 -16.22 -12.66 -12.87
CA LEU A 286 -17.51 -13.18 -13.35
C LEU A 286 -18.10 -13.91 -12.18
N GLU A 287 -19.17 -13.34 -11.62
CA GLU A 287 -19.74 -13.84 -10.43
C GLU A 287 -21.23 -13.97 -10.50
N GLY A 288 -21.70 -15.17 -10.19
CA GLY A 288 -23.12 -15.41 -10.03
C GLY A 288 -23.63 -15.02 -8.65
N PHE A 289 -24.91 -14.70 -8.58
CA PHE A 289 -25.62 -14.44 -7.32
C PHE A 289 -27.08 -14.88 -7.43
N LEU A 290 -27.71 -14.99 -6.29
CA LEU A 290 -29.10 -15.38 -6.16
C LEU A 290 -29.72 -14.42 -5.17
N VAL A 291 -30.80 -13.77 -5.56
CA VAL A 291 -31.47 -12.80 -4.69
C VAL A 291 -31.81 -13.36 -3.28
N PHE A 292 -32.13 -14.65 -3.22
CA PHE A 292 -32.48 -15.36 -1.98
C PHE A 292 -31.44 -15.25 -0.84
N ASP A 293 -30.17 -14.95 -1.13
CA ASP A 293 -29.16 -14.71 -0.08
C ASP A 293 -29.22 -13.30 0.48
N HIS A 294 -30.03 -12.40 -0.10
CA HIS A 294 -29.92 -10.97 0.22
C HIS A 294 -31.19 -10.32 0.79
N TYR A 295 -32.00 -11.13 1.48
CA TYR A 295 -33.24 -10.65 2.06
C TYR A 295 -32.97 -9.60 3.08
N GLY A 296 -31.87 -9.71 3.80
CA GLY A 296 -31.48 -8.68 4.76
C GLY A 296 -31.36 -7.28 4.16
N SER A 297 -31.14 -7.16 2.85
CA SER A 297 -31.00 -5.86 2.19
C SER A 297 -32.36 -5.24 1.84
N TYR A 298 -33.44 -5.99 2.06
CA TYR A 298 -34.77 -5.55 1.67
C TYR A 298 -35.27 -4.21 2.28
N PRO A 299 -35.20 -4.05 3.59
CA PRO A 299 -35.68 -2.79 4.17
C PRO A 299 -34.99 -1.52 3.60
N GLU A 300 -33.68 -1.57 3.46
CA GLU A 300 -32.96 -0.50 2.83
C GLU A 300 -33.53 -0.27 1.41
N PHE A 301 -33.60 -1.34 0.61
CA PHE A 301 -34.06 -1.29 -0.75
C PHE A 301 -35.44 -0.68 -0.86
N GLU A 302 -36.37 -1.08 0.02
CA GLU A 302 -37.76 -0.55 -0.04
C GLU A 302 -37.74 0.96 0.16
N GLU A 303 -36.95 1.42 1.15
CA GLU A 303 -36.79 2.84 1.45
C GLU A 303 -36.27 3.63 0.23
N LYS A 304 -35.17 3.16 -0.38
CA LYS A 304 -34.60 3.83 -1.56
C LYS A 304 -35.57 3.94 -2.74
N VAL A 305 -36.27 2.83 -3.04
CA VAL A 305 -37.05 2.74 -4.25
C VAL A 305 -38.40 3.43 -4.12
N VAL A 306 -38.99 3.36 -2.95
CA VAL A 306 -40.21 4.12 -2.66
C VAL A 306 -39.90 5.61 -2.86
N GLN A 307 -38.78 6.04 -2.31
CA GLN A 307 -38.36 7.45 -2.46
C GLN A 307 -38.15 7.82 -3.93
N LEU A 308 -37.46 6.98 -4.70
CA LEU A 308 -37.27 7.27 -6.13
C LEU A 308 -38.59 7.42 -6.86
N ILE A 309 -39.56 6.57 -6.51
CA ILE A 309 -40.86 6.57 -7.14
C ILE A 309 -41.65 7.79 -6.72
N LYS A 310 -41.46 8.26 -5.50
CA LYS A 310 -42.26 9.38 -5.07
C LYS A 310 -41.63 10.63 -5.63
N GLU A 311 -40.30 10.60 -5.73
CA GLU A 311 -39.53 11.65 -6.41
C GLU A 311 -39.70 11.63 -7.95
N GLU A 312 -40.43 10.66 -8.50
CA GLU A 312 -40.60 10.51 -9.95
C GLU A 312 -39.24 10.37 -10.70
N LYS A 313 -38.28 9.67 -10.06
CA LYS A 313 -36.99 9.53 -10.66
C LYS A 313 -36.70 8.12 -11.20
N ILE A 314 -37.70 7.27 -11.17
CA ILE A 314 -37.61 5.96 -11.76
C ILE A 314 -38.97 5.68 -12.44
N LYS A 315 -38.97 4.89 -13.50
CA LYS A 315 -40.12 4.64 -14.35
C LYS A 315 -40.38 3.13 -14.41
N TYR A 316 -41.65 2.76 -14.58
CA TYR A 316 -42.02 1.39 -14.45
C TYR A 316 -43.33 1.11 -15.13
N LEU A 317 -43.34 0.15 -16.04
CA LEU A 317 -44.56 -0.24 -16.70
C LEU A 317 -44.91 -1.64 -16.25
N GLU A 318 -46.22 -1.88 -16.06
CA GLU A 318 -46.72 -3.22 -15.75
C GLU A 318 -47.61 -3.70 -16.87
N ASP A 319 -47.56 -4.99 -17.14
CA ASP A 319 -48.45 -5.68 -18.09
C ASP A 319 -49.45 -6.37 -17.13
N ILE A 320 -50.71 -5.91 -17.16
CA ILE A 320 -51.74 -6.36 -16.20
C ILE A 320 -52.78 -7.25 -16.84
N VAL A 321 -52.83 -8.50 -16.40
CA VAL A 321 -53.80 -9.51 -16.86
C VAL A 321 -54.77 -9.72 -15.72
N GLU A 322 -56.07 -9.70 -16.00
CA GLU A 322 -57.12 -9.82 -14.96
C GLU A 322 -57.63 -11.24 -14.86
N GLY A 323 -57.61 -11.80 -13.65
CA GLY A 323 -58.19 -13.12 -13.39
C GLY A 323 -57.21 -14.29 -13.46
N LEU A 324 -57.29 -15.14 -12.44
CA LEU A 324 -56.47 -16.36 -12.37
C LEU A 324 -56.54 -17.18 -13.60
N GLU A 325 -57.72 -17.10 -14.22
CA GLU A 325 -58.16 -17.94 -15.33
C GLU A 325 -57.22 -17.69 -16.48
N ASN A 326 -56.65 -16.49 -16.52
CA ASN A 326 -55.75 -16.04 -17.56
C ASN A 326 -54.29 -16.15 -17.18
N ALA A 327 -54.02 -16.61 -15.95
CA ALA A 327 -52.63 -16.64 -15.48
C ALA A 327 -51.77 -17.55 -16.29
N PRO A 328 -52.22 -18.79 -16.58
CA PRO A 328 -51.45 -19.66 -17.47
C PRO A 328 -51.05 -18.99 -18.79
N ALA A 329 -51.96 -18.26 -19.41
CA ALA A 329 -51.66 -17.61 -20.69
C ALA A 329 -50.63 -16.49 -20.51
N ALA A 330 -50.78 -15.77 -19.41
CA ALA A 330 -49.87 -14.69 -19.08
C ALA A 330 -48.44 -15.17 -18.87
N LEU A 331 -48.29 -16.25 -18.09
CA LEU A 331 -47.00 -16.86 -17.87
C LEU A 331 -46.35 -17.33 -19.17
N ILE A 332 -47.10 -18.02 -20.01
CA ILE A 332 -46.54 -18.47 -21.28
C ILE A 332 -46.21 -17.26 -22.16
N GLY A 333 -47.04 -16.22 -22.05
CA GLY A 333 -46.78 -14.96 -22.76
C GLY A 333 -45.43 -14.39 -22.37
N LEU A 334 -45.16 -14.31 -21.08
CA LEU A 334 -43.86 -13.83 -20.63
C LEU A 334 -42.70 -14.69 -21.13
N PHE A 335 -42.85 -16.01 -20.97
CA PHE A 335 -41.87 -16.99 -21.48
C PHE A 335 -41.49 -16.75 -22.93
N GLU A 336 -42.46 -16.33 -23.74
CA GLU A 336 -42.24 -16.09 -25.16
C GLU A 336 -41.70 -14.67 -25.42
N GLY A 337 -41.78 -13.82 -24.41
CA GLY A 337 -41.29 -12.45 -24.54
C GLY A 337 -42.31 -11.53 -25.17
N ARG A 338 -43.58 -11.92 -25.14
CA ARG A 338 -44.67 -11.13 -25.75
C ARG A 338 -45.27 -10.12 -24.74
N ASN A 339 -44.64 -9.97 -23.58
CA ASN A 339 -45.04 -8.97 -22.62
C ASN A 339 -44.28 -7.66 -22.88
N VAL A 340 -44.79 -6.56 -22.35
CA VAL A 340 -44.10 -5.29 -22.36
C VAL A 340 -44.05 -4.75 -20.94
N GLY A 341 -42.89 -4.87 -20.32
CA GLY A 341 -42.78 -4.52 -18.95
C GLY A 341 -43.43 -5.59 -18.08
N LYS A 342 -43.19 -5.47 -16.77
CA LYS A 342 -43.37 -6.56 -15.83
C LYS A 342 -44.76 -7.13 -15.86
N GLN A 343 -44.82 -8.45 -15.90
CA GLN A 343 -46.07 -9.17 -16.11
C GLN A 343 -46.77 -9.52 -14.77
N VAL A 344 -47.99 -9.06 -14.57
CA VAL A 344 -48.73 -9.21 -13.32
C VAL A 344 -50.13 -9.85 -13.53
N VAL A 345 -50.48 -10.81 -12.69
CA VAL A 345 -51.86 -11.35 -12.72
C VAL A 345 -52.65 -10.79 -11.52
N VAL A 346 -53.87 -10.34 -11.78
CA VAL A 346 -54.71 -9.78 -10.74
C VAL A 346 -55.65 -10.86 -10.37
N VAL A 347 -55.55 -11.33 -9.16
CA VAL A 347 -56.44 -12.35 -8.71
C VAL A 347 -57.73 -11.70 -8.22
N SER A 348 -57.66 -10.56 -7.55
CA SER A 348 -58.85 -9.97 -6.92
C SER A 348 -58.60 -8.55 -6.42
N ARG A 349 -59.70 -7.90 -5.98
CA ARG A 349 -59.73 -6.59 -5.31
C ARG A 349 -58.41 -5.79 -5.32
N VAL B 49 21.24 0.77 -14.17
CA VAL B 49 21.92 -0.53 -13.91
C VAL B 49 22.49 -1.25 -15.15
N LEU B 50 23.78 -1.60 -15.08
CA LEU B 50 24.36 -2.69 -15.87
C LEU B 50 24.39 -3.90 -14.94
N LEU B 51 23.82 -5.01 -15.38
CA LEU B 51 23.77 -6.22 -14.54
C LEU B 51 24.64 -7.30 -15.10
N LYS B 52 25.29 -8.03 -14.21
CA LYS B 52 25.85 -9.29 -14.58
C LYS B 52 24.79 -10.31 -14.28
N ASN B 53 24.39 -11.05 -15.32
CA ASN B 53 23.29 -12.00 -15.21
C ASN B 53 23.78 -13.33 -14.64
N LEU B 54 23.05 -13.85 -13.65
CA LEU B 54 23.42 -15.07 -12.94
C LEU B 54 22.52 -16.24 -13.34
N TYR B 55 21.20 -16.03 -13.27
CA TYR B 55 20.21 -17.08 -13.55
C TYR B 55 19.08 -16.60 -14.45
N LEU B 56 18.63 -17.53 -15.30
CA LEU B 56 17.49 -17.29 -16.17
C LEU B 56 16.40 -18.35 -15.95
N SER B 57 15.15 -17.91 -15.97
CA SER B 57 13.98 -18.80 -15.89
C SER B 57 13.42 -19.10 -17.28
N CYS B 58 12.58 -20.12 -17.39
CA CYS B 58 11.78 -20.33 -18.60
C CYS B 58 10.29 -20.53 -18.27
N ASP B 59 9.46 -19.52 -18.60
CA ASP B 59 7.98 -19.58 -18.54
C ASP B 59 7.46 -19.47 -19.99
N PRO B 60 6.13 -19.38 -20.19
CA PRO B 60 5.62 -19.06 -21.55
C PRO B 60 4.78 -17.79 -21.56
N GLY B 86 13.31 -12.62 -20.50
CA GLY B 86 12.59 -13.36 -19.48
C GLY B 86 13.07 -13.09 -18.07
N PHE B 87 12.41 -13.73 -17.10
CA PHE B 87 12.77 -13.51 -15.72
C PHE B 87 14.10 -14.18 -15.35
N GLY B 88 14.81 -13.53 -14.45
CA GLY B 88 16.09 -14.02 -14.01
C GLY B 88 16.61 -13.19 -12.85
N VAL B 89 17.88 -13.46 -12.53
CA VAL B 89 18.54 -12.87 -11.37
C VAL B 89 19.87 -12.32 -11.83
N GLY B 90 20.25 -11.16 -11.29
CA GLY B 90 21.49 -10.52 -11.68
C GLY B 90 22.17 -9.79 -10.55
N LYS B 91 23.43 -9.44 -10.76
CA LYS B 91 24.20 -8.65 -9.83
C LYS B 91 24.42 -7.29 -10.44
N VAL B 92 24.35 -6.25 -9.62
CA VAL B 92 24.58 -4.89 -10.08
C VAL B 92 26.08 -4.64 -10.19
N VAL B 93 26.51 -4.34 -11.42
CA VAL B 93 27.89 -4.01 -11.77
C VAL B 93 28.08 -2.50 -11.68
N ASP B 94 27.07 -1.72 -12.12
CA ASP B 94 27.18 -0.27 -12.16
C ASP B 94 25.79 0.39 -12.29
N THR B 102 25.62 -1.66 -6.45
CA THR B 102 26.80 -2.47 -6.76
C THR B 102 26.99 -3.63 -5.78
N GLY B 103 26.97 -4.86 -6.28
CA GLY B 103 27.00 -6.04 -5.42
C GLY B 103 25.63 -6.40 -4.92
N ASP B 104 24.70 -5.45 -4.96
CA ASP B 104 23.30 -5.74 -4.79
C ASP B 104 22.95 -6.87 -5.79
N TYR B 105 22.22 -7.86 -5.28
CA TYR B 105 21.61 -8.89 -6.09
C TYR B 105 20.16 -8.51 -6.33
N VAL B 106 19.66 -8.77 -7.53
CA VAL B 106 18.32 -8.35 -7.95
C VAL B 106 17.66 -9.38 -8.83
N TRP B 107 16.34 -9.28 -8.90
CA TRP B 107 15.58 -10.09 -9.86
C TRP B 107 14.60 -9.22 -10.61
N GLY B 108 14.22 -9.68 -11.79
CA GLY B 108 13.41 -8.88 -12.69
C GLY B 108 13.53 -9.38 -14.12
N LEU B 109 12.99 -8.58 -15.04
CA LEU B 109 12.97 -8.95 -16.44
C LEU B 109 14.34 -8.63 -17.00
N ILE B 110 15.04 -9.66 -17.49
CA ILE B 110 16.39 -9.48 -18.05
C ILE B 110 16.51 -10.24 -19.38
N GLY B 111 17.63 -10.02 -20.09
CA GLY B 111 17.87 -10.70 -21.37
C GLY B 111 18.47 -12.09 -21.22
N GLU B 114 24.53 -12.75 -20.70
CA GLU B 114 25.82 -12.34 -20.13
C GLU B 114 25.70 -11.12 -19.21
N TYR B 115 25.15 -10.04 -19.76
CA TYR B 115 25.06 -8.74 -19.11
C TYR B 115 23.84 -8.03 -19.70
N SER B 116 23.14 -7.17 -18.93
CA SER B 116 22.00 -6.40 -19.48
C SER B 116 21.99 -4.96 -19.02
N LEU B 117 21.85 -4.04 -19.98
CA LEU B 117 21.70 -2.62 -19.70
C LEU B 117 20.25 -2.40 -19.32
N ILE B 118 19.97 -1.64 -18.26
CA ILE B 118 18.57 -1.40 -17.86
C ILE B 118 18.19 0.09 -17.74
N THR B 119 17.46 0.58 -18.75
CA THR B 119 17.01 1.96 -18.77
C THR B 119 15.94 2.22 -17.69
N LYS B 120 14.89 1.38 -17.64
CA LYS B 120 13.81 1.50 -16.62
C LYS B 120 13.92 0.43 -15.52
N PRO B 121 14.43 0.80 -14.30
CA PRO B 121 14.79 -0.16 -13.23
C PRO B 121 13.72 -0.49 -12.17
N GLN B 122 12.55 0.15 -12.26
CA GLN B 122 11.38 -0.20 -11.42
C GLN B 122 10.91 -1.66 -11.62
N GLY B 123 11.38 -2.29 -12.71
CA GLY B 123 11.06 -3.67 -13.04
C GLY B 123 11.92 -4.64 -12.27
N LEU B 124 12.92 -4.11 -11.56
CA LEU B 124 13.86 -4.89 -10.74
C LEU B 124 13.57 -4.82 -9.24
N PHE B 125 13.57 -5.98 -8.61
CA PHE B 125 13.27 -6.10 -7.22
C PHE B 125 14.56 -6.50 -6.56
N LYS B 126 14.70 -6.19 -5.28
CA LYS B 126 15.87 -6.53 -4.50
C LYS B 126 15.68 -7.94 -3.94
N ILE B 127 16.78 -8.65 -3.74
CA ILE B 127 16.78 -10.01 -3.19
C ILE B 127 17.34 -9.93 -1.78
N HIS B 128 16.44 -9.80 -0.81
CA HIS B 128 16.85 -9.38 0.52
C HIS B 128 17.39 -10.50 1.41
N HIS B 129 17.62 -11.68 0.83
CA HIS B 129 18.21 -12.80 1.57
C HIS B 129 19.20 -13.54 0.68
N THR B 130 20.46 -13.18 0.78
CA THR B 130 21.48 -13.88 0.02
C THR B 130 21.88 -15.21 0.69
N GLU B 131 21.27 -15.55 1.82
CA GLU B 131 21.54 -16.84 2.48
C GLU B 131 20.85 -17.99 1.75
N ILE B 132 19.62 -17.76 1.29
CA ILE B 132 18.92 -18.71 0.44
C ILE B 132 19.76 -18.70 -0.87
N PRO B 133 19.82 -19.85 -1.56
CA PRO B 133 20.41 -19.78 -2.90
C PRO B 133 19.66 -18.79 -3.85
N LEU B 134 20.43 -18.05 -4.64
CA LEU B 134 19.87 -17.00 -5.53
C LEU B 134 19.03 -17.53 -6.72
N SER B 135 19.25 -18.79 -7.11
CA SER B 135 18.61 -19.39 -8.30
C SER B 135 17.08 -19.45 -8.26
N TYR B 136 16.62 -19.72 -7.06
CA TYR B 136 15.22 -19.78 -6.65
C TYR B 136 14.40 -18.50 -6.93
N TYR B 137 15.09 -17.41 -7.16
CA TYR B 137 14.47 -16.15 -7.55
C TYR B 137 14.05 -16.08 -9.02
N THR B 138 14.28 -17.15 -9.79
CA THR B 138 13.66 -17.32 -11.11
C THR B 138 12.29 -18.05 -11.04
N GLY B 139 12.02 -18.70 -9.90
CA GLY B 139 10.75 -19.41 -9.69
C GLY B 139 10.10 -19.08 -8.36
N ILE B 140 10.35 -19.93 -7.38
CA ILE B 140 9.64 -19.92 -6.09
C ILE B 140 9.78 -18.64 -5.28
N LEU B 141 10.87 -17.94 -5.44
CA LEU B 141 11.00 -16.64 -4.79
C LEU B 141 10.88 -15.53 -5.83
N GLY B 142 10.44 -15.92 -7.02
CA GLY B 142 10.25 -15.01 -8.13
C GLY B 142 8.80 -14.86 -8.53
N MET B 143 8.58 -14.54 -9.81
CA MET B 143 7.28 -14.28 -10.42
C MET B 143 6.35 -15.46 -10.25
N VAL B 144 6.90 -16.66 -10.42
CA VAL B 144 6.15 -17.91 -10.33
C VAL B 144 5.55 -18.06 -8.94
N GLY B 145 6.42 -17.94 -7.94
CA GLY B 145 6.01 -18.06 -6.53
C GLY B 145 5.02 -16.96 -6.19
N LEU B 146 5.31 -15.76 -6.66
CA LEU B 146 4.44 -14.64 -6.35
C LEU B 146 3.04 -14.85 -7.00
N THR B 147 3.00 -15.39 -8.22
CA THR B 147 1.75 -15.76 -8.87
C THR B 147 0.94 -16.73 -8.02
N ALA B 148 1.59 -17.75 -7.45
CA ALA B 148 0.89 -18.73 -6.60
C ALA B 148 0.33 -18.11 -5.35
N TYR B 149 1.13 -17.23 -4.76
CA TYR B 149 0.83 -16.57 -3.49
C TYR B 149 -0.39 -15.70 -3.62
N VAL B 150 -0.36 -14.75 -4.56
CA VAL B 150 -1.50 -13.84 -4.70
C VAL B 150 -2.73 -14.60 -5.19
N GLY B 151 -2.55 -15.58 -6.09
CA GLY B 151 -3.67 -16.36 -6.62
C GLY B 151 -4.36 -17.20 -5.57
N PHE B 152 -3.59 -17.80 -4.68
CA PHE B 152 -4.19 -18.61 -3.65
C PHE B 152 -4.66 -17.78 -2.49
N TYR B 153 -3.77 -16.99 -1.87
CA TYR B 153 -4.13 -16.32 -0.61
C TYR B 153 -5.13 -15.20 -0.81
N ASP B 154 -4.98 -14.47 -1.91
CA ASP B 154 -5.92 -13.40 -2.20
C ASP B 154 -7.21 -13.77 -2.96
N ILE B 155 -7.04 -14.32 -4.16
CA ILE B 155 -8.11 -14.45 -5.14
C ILE B 155 -9.03 -15.61 -4.75
N CYS B 156 -8.49 -16.70 -4.20
CA CYS B 156 -9.32 -17.82 -3.78
C CYS B 156 -10.03 -17.62 -2.42
N SER B 157 -9.63 -16.61 -1.62
CA SER B 157 -10.23 -16.38 -0.26
C SER B 157 -10.36 -17.65 0.57
N PRO B 158 -9.29 -18.42 0.68
CA PRO B 158 -9.44 -19.71 1.28
C PRO B 158 -9.64 -19.67 2.78
N LYS B 159 -10.24 -20.76 3.27
CA LYS B 159 -10.43 -21.03 4.69
C LYS B 159 -9.94 -22.46 4.98
N LYS B 160 -9.47 -22.66 6.21
CA LYS B 160 -8.99 -23.97 6.68
C LYS B 160 -10.07 -25.04 6.48
N GLY B 161 -9.65 -26.21 6.02
CA GLY B 161 -10.55 -27.33 5.83
C GLY B 161 -11.25 -27.36 4.48
N GLU B 162 -11.02 -26.37 3.63
CA GLU B 162 -11.68 -26.34 2.34
C GLU B 162 -11.01 -27.26 1.32
N ARG B 163 -11.72 -27.49 0.23
CA ARG B 163 -11.39 -28.54 -0.71
C ARG B 163 -10.91 -27.90 -2.02
N VAL B 164 -9.64 -28.13 -2.32
CA VAL B 164 -8.93 -27.40 -3.36
C VAL B 164 -8.48 -28.32 -4.47
N PHE B 165 -8.78 -27.91 -5.70
CA PHE B 165 -8.30 -28.61 -6.89
C PHE B 165 -7.38 -27.69 -7.68
N VAL B 166 -6.25 -28.24 -8.12
CA VAL B 166 -5.26 -27.52 -8.89
C VAL B 166 -5.06 -28.20 -10.26
N SER B 167 -5.44 -27.55 -11.35
CA SER B 167 -5.07 -28.06 -12.66
C SER B 167 -3.62 -27.68 -13.04
N ALA B 168 -3.02 -28.44 -13.97
CA ALA B 168 -1.55 -28.38 -14.29
C ALA B 168 -0.72 -28.40 -13.03
N ALA B 169 -1.22 -29.09 -12.02
CA ALA B 169 -0.57 -29.12 -10.71
C ALA B 169 0.93 -29.38 -10.73
N ALA B 170 1.38 -30.13 -11.72
CA ALA B 170 2.80 -30.49 -11.86
C ALA B 170 3.66 -29.33 -12.31
N GLY B 171 3.04 -28.29 -12.89
CA GLY B 171 3.75 -27.11 -13.38
C GLY B 171 4.32 -26.32 -12.21
N ALA B 172 5.14 -25.32 -12.50
CA ALA B 172 5.79 -24.61 -11.41
C ALA B 172 4.78 -23.92 -10.49
N VAL B 173 3.77 -23.24 -11.04
CA VAL B 173 2.80 -22.51 -10.19
C VAL B 173 1.95 -23.47 -9.35
N GLY B 174 1.35 -24.44 -10.02
CA GLY B 174 0.49 -25.42 -9.38
C GLY B 174 1.14 -26.07 -8.18
N GLN B 175 2.37 -26.56 -8.34
CA GLN B 175 3.10 -27.21 -7.23
C GLN B 175 3.14 -26.34 -6.00
N ILE B 176 3.35 -25.06 -6.21
CA ILE B 176 3.47 -24.12 -5.14
C ILE B 176 2.11 -23.81 -4.53
N VAL B 177 1.10 -23.62 -5.37
CA VAL B 177 -0.26 -23.40 -4.87
C VAL B 177 -0.64 -24.53 -3.91
N GLY B 178 -0.47 -25.75 -4.36
CA GLY B 178 -0.83 -26.91 -3.57
C GLY B 178 -0.16 -26.98 -2.19
N GLN B 179 1.10 -26.59 -2.13
CA GLN B 179 1.81 -26.60 -0.86
C GLN B 179 1.37 -25.46 0.02
N PHE B 180 1.09 -24.29 -0.55
CA PHE B 180 0.46 -23.23 0.26
C PHE B 180 -0.90 -23.69 0.83
N ALA B 181 -1.65 -24.44 0.03
CA ALA B 181 -2.95 -24.92 0.44
C ALA B 181 -2.88 -26.02 1.49
N LYS B 182 -1.98 -26.97 1.30
CA LYS B 182 -1.79 -28.00 2.33
C LYS B 182 -1.34 -27.35 3.65
N GLN B 183 -0.37 -26.44 3.59
CA GLN B 183 0.06 -25.68 4.78
C GLN B 183 -1.05 -24.86 5.42
N PHE B 184 -2.06 -24.44 4.66
CA PHE B 184 -3.17 -23.67 5.18
C PHE B 184 -4.27 -24.57 5.79
N GLY B 185 -4.10 -25.90 5.71
CA GLY B 185 -5.06 -26.87 6.25
C GLY B 185 -6.14 -27.35 5.28
N CYS B 186 -5.92 -27.18 3.98
CA CYS B 186 -6.94 -27.54 2.99
C CYS B 186 -6.72 -28.96 2.48
N TYR B 187 -7.81 -29.59 2.05
CA TYR B 187 -7.74 -30.86 1.38
C TYR B 187 -7.39 -30.50 -0.07
N VAL B 188 -6.41 -31.18 -0.68
CA VAL B 188 -5.81 -30.74 -1.93
C VAL B 188 -5.64 -31.88 -2.91
N VAL B 189 -6.16 -31.69 -4.12
CA VAL B 189 -6.10 -32.67 -5.20
C VAL B 189 -5.58 -31.95 -6.44
N GLY B 190 -4.79 -32.67 -7.25
CA GLY B 190 -4.15 -32.08 -8.40
C GLY B 190 -4.24 -32.93 -9.65
N SER B 191 -4.00 -32.26 -10.77
CA SER B 191 -4.12 -32.82 -12.11
C SER B 191 -2.79 -32.69 -12.84
N ALA B 192 -2.36 -33.75 -13.53
CA ALA B 192 -1.17 -33.70 -14.38
C ALA B 192 -1.26 -34.65 -15.59
N GLY B 193 -0.31 -34.53 -16.51
CA GLY B 193 -0.35 -35.28 -17.78
C GLY B 193 0.52 -36.53 -17.88
N SER B 194 1.09 -36.99 -16.77
CA SER B 194 1.93 -38.18 -16.79
C SER B 194 2.03 -38.81 -15.42
N ASP B 195 2.16 -40.13 -15.37
CA ASP B 195 2.24 -40.87 -14.09
C ASP B 195 3.45 -40.45 -13.25
N GLU B 196 4.57 -40.18 -13.91
CA GLU B 196 5.77 -39.71 -13.21
C GLU B 196 5.42 -38.48 -12.40
N LYS B 197 4.68 -37.54 -13.00
CA LYS B 197 4.29 -36.29 -12.34
C LYS B 197 3.16 -36.47 -11.31
N VAL B 198 2.15 -37.28 -11.64
CA VAL B 198 1.02 -37.58 -10.72
C VAL B 198 1.54 -38.14 -9.40
N ASN B 199 2.35 -39.20 -9.51
CA ASN B 199 2.98 -39.89 -8.37
C ASN B 199 4.01 -39.04 -7.65
N LEU B 200 4.66 -38.13 -8.38
CA LEU B 200 5.46 -37.07 -7.76
C LEU B 200 4.58 -36.12 -6.87
N LEU B 201 3.49 -35.59 -7.43
CA LEU B 201 2.54 -34.73 -6.70
C LEU B 201 1.99 -35.38 -5.41
N LYS B 202 1.69 -36.68 -5.48
CA LYS B 202 1.19 -37.42 -4.31
C LYS B 202 2.30 -37.96 -3.41
N THR B 203 3.57 -37.60 -3.65
CA THR B 203 4.65 -37.87 -2.65
C THR B 203 5.41 -36.56 -2.28
N LYS B 204 6.45 -36.18 -3.04
CA LYS B 204 7.26 -34.99 -2.76
C LYS B 204 6.48 -33.70 -2.41
N PHE B 205 5.43 -33.37 -3.17
CA PHE B 205 4.73 -32.07 -3.04
C PHE B 205 3.46 -32.05 -2.18
N GLY B 206 3.17 -33.19 -1.56
CA GLY B 206 2.26 -33.21 -0.42
C GLY B 206 0.80 -33.21 -0.76
N PHE B 207 0.46 -33.46 -2.02
CA PHE B 207 -0.94 -33.54 -2.41
C PHE B 207 -1.59 -34.73 -1.76
N ASP B 208 -2.82 -34.50 -1.28
CA ASP B 208 -3.64 -35.56 -0.77
C ASP B 208 -3.93 -36.56 -1.88
N GLU B 209 -4.47 -36.07 -2.99
CA GLU B 209 -4.71 -36.91 -4.17
C GLU B 209 -4.17 -36.22 -5.39
N ALA B 210 -4.07 -37.00 -6.45
CA ALA B 210 -3.65 -36.53 -7.76
C ALA B 210 -4.07 -37.57 -8.75
N PHE B 211 -4.42 -37.15 -9.96
CA PHE B 211 -4.75 -38.07 -11.04
C PHE B 211 -4.21 -37.58 -12.36
N ASN B 212 -4.25 -38.49 -13.33
CA ASN B 212 -3.71 -38.28 -14.68
C ASN B 212 -4.88 -38.08 -15.65
N TYR B 213 -5.03 -36.87 -16.18
CA TYR B 213 -6.27 -36.50 -16.89
C TYR B 213 -6.53 -37.33 -18.14
N LYS B 214 -5.48 -37.99 -18.66
CA LYS B 214 -5.56 -38.74 -19.93
C LYS B 214 -5.98 -40.20 -19.84
N LYS B 215 -6.00 -40.77 -18.64
CA LYS B 215 -6.48 -42.16 -18.44
C LYS B 215 -7.80 -41.94 -17.70
N GLU B 216 -8.55 -40.90 -18.04
CA GLU B 216 -9.83 -40.63 -17.38
C GLU B 216 -10.94 -40.32 -18.37
N PRO B 217 -11.70 -41.35 -18.81
CA PRO B 217 -12.76 -41.06 -19.80
C PRO B 217 -13.69 -39.89 -19.41
N ASP B 218 -14.08 -39.81 -18.14
CA ASP B 218 -15.07 -38.83 -17.64
C ASP B 218 -14.53 -37.97 -16.48
N LEU B 219 -13.97 -36.81 -16.83
CA LEU B 219 -13.36 -35.89 -15.87
C LEU B 219 -14.29 -35.48 -14.77
N THR B 220 -15.56 -35.30 -15.12
CA THR B 220 -16.59 -35.05 -14.08
C THR B 220 -16.61 -36.18 -13.04
N LYS B 221 -16.70 -37.41 -13.54
CA LYS B 221 -16.75 -38.58 -12.66
C LYS B 221 -15.48 -38.71 -11.83
N ALA B 222 -14.34 -38.39 -12.42
CA ALA B 222 -13.03 -38.41 -11.75
C ALA B 222 -12.98 -37.44 -10.59
N LEU B 223 -13.36 -36.20 -10.83
CA LEU B 223 -13.35 -35.23 -9.77
C LEU B 223 -14.31 -35.64 -8.66
N LYS B 224 -15.45 -36.22 -9.02
CA LYS B 224 -16.42 -36.72 -8.02
C LYS B 224 -15.75 -37.70 -7.08
N ARG B 225 -14.91 -38.57 -7.66
CA ARG B 225 -14.20 -39.62 -6.92
C ARG B 225 -13.31 -39.05 -5.82
N TYR B 226 -12.57 -37.98 -6.15
CA TYR B 226 -11.69 -37.35 -5.17
C TYR B 226 -12.37 -36.30 -4.28
N PHE B 227 -13.57 -35.84 -4.66
CA PHE B 227 -14.28 -34.81 -3.91
C PHE B 227 -15.73 -35.24 -3.69
N PRO B 228 -15.96 -36.16 -2.75
CA PRO B 228 -17.35 -36.62 -2.46
C PRO B 228 -18.31 -35.50 -2.07
N GLU B 229 -17.82 -34.59 -1.25
CA GLU B 229 -18.61 -33.44 -0.79
C GLU B 229 -18.40 -32.19 -1.66
N GLY B 230 -17.79 -32.35 -2.84
CA GLY B 230 -17.57 -31.27 -3.78
C GLY B 230 -16.33 -30.41 -3.56
N ILE B 231 -16.14 -29.42 -4.46
CA ILE B 231 -14.97 -28.51 -4.49
C ILE B 231 -15.29 -27.08 -4.09
N ASP B 232 -14.58 -26.53 -3.09
CA ASP B 232 -14.70 -25.11 -2.69
C ASP B 232 -13.86 -24.15 -3.58
N ILE B 233 -12.65 -24.60 -3.98
CA ILE B 233 -11.64 -23.76 -4.65
C ILE B 233 -11.00 -24.47 -5.86
N TYR B 234 -11.00 -23.77 -6.99
CA TYR B 234 -10.31 -24.25 -8.17
C TYR B 234 -9.23 -23.28 -8.62
N PHE B 235 -7.96 -23.69 -8.55
CA PHE B 235 -6.87 -22.88 -9.10
C PHE B 235 -6.73 -23.28 -10.56
N GLU B 236 -7.07 -22.35 -11.46
CA GLU B 236 -7.28 -22.69 -12.87
C GLU B 236 -6.07 -22.30 -13.72
N ASN B 237 -5.51 -23.29 -14.42
CA ASN B 237 -4.36 -23.15 -15.35
C ASN B 237 -4.63 -23.69 -16.74
N VAL B 238 -5.83 -24.24 -16.95
CA VAL B 238 -6.14 -25.07 -18.10
C VAL B 238 -7.39 -24.68 -18.90
N GLY B 239 -8.54 -24.66 -18.23
CA GLY B 239 -9.80 -24.32 -18.89
C GLY B 239 -10.50 -25.49 -19.56
N GLY B 240 -11.50 -25.13 -20.36
CA GLY B 240 -12.18 -26.09 -21.21
C GLY B 240 -12.93 -27.17 -20.44
N PRO B 241 -12.92 -28.40 -20.96
CA PRO B 241 -13.62 -29.51 -20.27
C PRO B 241 -13.23 -29.70 -18.80
N MET B 242 -11.98 -29.40 -18.44
CA MET B 242 -11.62 -29.51 -17.04
C MET B 242 -12.45 -28.50 -16.24
N LEU B 243 -12.58 -27.29 -16.77
CA LEU B 243 -13.39 -26.27 -16.11
C LEU B 243 -14.85 -26.72 -16.02
N GLU B 244 -15.35 -27.38 -17.06
CA GLU B 244 -16.71 -27.86 -17.01
C GLU B 244 -16.86 -28.89 -15.90
N ALA B 245 -15.86 -29.76 -15.81
CA ALA B 245 -15.86 -30.81 -14.82
C ALA B 245 -15.83 -30.22 -13.40
N VAL B 246 -15.00 -29.21 -13.17
CA VAL B 246 -14.99 -28.48 -11.87
C VAL B 246 -16.36 -27.84 -11.58
N LEU B 247 -16.96 -27.16 -12.55
CA LEU B 247 -18.23 -26.52 -12.25
C LEU B 247 -19.29 -27.51 -11.80
N HIS B 248 -19.35 -28.69 -12.42
CA HIS B 248 -20.29 -29.73 -12.01
C HIS B 248 -20.03 -30.18 -10.59
N ASN B 249 -18.74 -30.22 -10.21
CA ASN B 249 -18.36 -30.69 -8.89
C ASN B 249 -18.13 -29.56 -7.87
N MET B 250 -18.52 -28.32 -8.16
CA MET B 250 -18.20 -27.23 -7.24
C MET B 250 -19.32 -27.00 -6.22
N ARG B 251 -18.93 -26.61 -5.02
CA ARG B 251 -19.83 -26.36 -3.92
C ARG B 251 -20.34 -24.96 -3.97
N ILE B 252 -21.36 -24.69 -3.17
CA ILE B 252 -22.00 -23.36 -3.04
C ILE B 252 -20.93 -22.35 -2.61
N LYS B 253 -20.98 -21.17 -3.21
CA LYS B 253 -20.03 -20.10 -2.92
C LYS B 253 -18.57 -20.51 -3.23
N GLY B 254 -18.33 -21.42 -4.14
CA GLY B 254 -16.95 -21.79 -4.50
C GLY B 254 -16.21 -20.73 -5.32
N ARG B 255 -14.93 -20.92 -5.52
CA ARG B 255 -14.12 -19.83 -6.04
C ARG B 255 -13.10 -20.33 -7.04
N ILE B 256 -13.00 -19.65 -8.16
CA ILE B 256 -12.08 -20.05 -9.18
C ILE B 256 -11.15 -18.89 -9.45
N ALA B 257 -9.84 -19.12 -9.26
CA ALA B 257 -8.81 -18.13 -9.61
C ALA B 257 -8.27 -18.51 -10.98
N ALA B 258 -8.57 -17.68 -11.96
CA ALA B 258 -8.20 -18.00 -13.35
C ALA B 258 -6.83 -17.42 -13.62
N CYS B 259 -5.84 -18.28 -13.55
CA CYS B 259 -4.43 -17.90 -13.70
C CYS B 259 -3.93 -18.11 -15.12
N GLY B 260 -4.43 -19.18 -15.76
CA GLY B 260 -4.18 -19.41 -17.18
C GLY B 260 -5.25 -20.35 -17.74
N MET B 261 -5.36 -20.38 -19.08
CA MET B 261 -6.31 -21.26 -19.78
C MET B 261 -5.73 -21.81 -21.12
N ILE B 262 -5.49 -23.12 -21.25
CA ILE B 262 -4.96 -23.74 -22.50
C ILE B 262 -6.04 -23.90 -23.58
N LYS B 269 -10.55 -21.34 -32.45
CA LYS B 269 -11.63 -21.30 -31.46
C LYS B 269 -11.32 -22.32 -30.36
N PRO B 270 -11.24 -21.89 -29.08
CA PRO B 270 -10.91 -22.91 -28.08
C PRO B 270 -12.10 -23.79 -27.73
N GLU B 271 -11.90 -24.70 -26.79
CA GLU B 271 -12.97 -25.55 -26.35
C GLU B 271 -13.96 -24.73 -25.53
N GLY B 272 -15.24 -25.01 -25.74
CA GLY B 272 -16.28 -24.27 -25.11
C GLY B 272 -16.51 -24.82 -23.74
N VAL B 273 -17.15 -24.01 -22.92
CA VAL B 273 -17.69 -24.43 -21.65
C VAL B 273 -19.18 -24.29 -21.84
N HIS B 274 -19.93 -25.31 -21.47
CA HIS B 274 -21.37 -25.30 -21.69
C HIS B 274 -22.10 -25.27 -20.39
N ASN B 275 -21.32 -25.03 -19.35
CA ASN B 275 -21.64 -25.34 -17.96
C ASN B 275 -21.89 -24.10 -17.08
N LEU B 276 -21.52 -22.93 -17.62
CA LEU B 276 -21.43 -21.68 -16.84
C LEU B 276 -22.69 -21.26 -16.09
N PHE B 277 -23.87 -21.63 -16.56
CA PHE B 277 -25.08 -21.25 -15.84
C PHE B 277 -24.99 -21.72 -14.41
N LEU B 278 -24.28 -22.82 -14.15
CA LEU B 278 -24.11 -23.29 -12.77
C LEU B 278 -23.52 -22.22 -11.81
N ILE B 279 -22.86 -21.24 -12.39
CA ILE B 279 -22.29 -20.13 -11.66
C ILE B 279 -23.37 -19.37 -10.91
N VAL B 280 -24.60 -19.43 -11.41
CA VAL B 280 -25.70 -18.64 -10.85
C VAL B 280 -26.28 -19.30 -9.58
N GLY B 281 -26.79 -20.52 -9.73
CA GLY B 281 -27.32 -21.31 -8.65
C GLY B 281 -26.28 -21.67 -7.60
N LYS B 282 -24.98 -21.74 -7.95
CA LYS B 282 -23.95 -22.03 -6.95
C LYS B 282 -23.26 -20.78 -6.42
N ARG B 283 -23.58 -19.61 -6.97
CA ARG B 283 -22.99 -18.36 -6.49
C ARG B 283 -21.47 -18.37 -6.52
N ILE B 284 -20.94 -18.84 -7.63
CA ILE B 284 -19.51 -18.99 -7.82
C ILE B 284 -18.88 -17.69 -8.33
N ARG B 285 -17.68 -17.41 -7.83
CA ARG B 285 -16.85 -16.28 -8.30
C ARG B 285 -15.74 -16.81 -9.19
N LEU B 286 -15.72 -16.36 -10.43
CA LEU B 286 -14.69 -16.78 -11.36
C LEU B 286 -13.91 -15.55 -11.76
N GLU B 287 -12.72 -15.43 -11.27
CA GLU B 287 -11.96 -14.23 -11.47
C GLU B 287 -10.57 -14.50 -11.97
N GLY B 288 -10.23 -13.80 -13.05
CA GLY B 288 -8.89 -13.82 -13.55
C GLY B 288 -8.01 -12.80 -12.83
N PHE B 289 -6.72 -13.08 -12.89
CA PHE B 289 -5.71 -12.15 -12.39
C PHE B 289 -4.39 -12.30 -13.15
N LEU B 290 -3.58 -11.27 -13.08
CA LEU B 290 -2.26 -11.25 -13.73
C LEU B 290 -1.26 -10.81 -12.67
N VAL B 291 -0.21 -11.58 -12.49
CA VAL B 291 0.79 -11.26 -11.44
C VAL B 291 1.36 -9.83 -11.57
N PHE B 292 1.38 -9.30 -12.80
CA PHE B 292 1.92 -7.95 -13.10
C PHE B 292 1.23 -6.80 -12.37
N ASP B 293 0.00 -7.01 -11.89
CA ASP B 293 -0.66 -6.01 -11.06
C ASP B 293 -0.23 -6.04 -9.60
N HIS B 294 0.54 -7.05 -9.19
CA HIS B 294 0.74 -7.27 -7.75
C HIS B 294 2.18 -7.16 -7.28
N TYR B 295 2.99 -6.37 -7.97
CA TYR B 295 4.40 -6.20 -7.61
C TYR B 295 4.60 -5.61 -6.22
N GLY B 296 3.67 -4.75 -5.82
CA GLY B 296 3.66 -4.17 -4.48
C GLY B 296 3.56 -5.16 -3.35
N SER B 297 2.88 -6.29 -3.59
CA SER B 297 2.82 -7.32 -2.58
C SER B 297 4.17 -8.08 -2.38
N TYR B 298 5.27 -7.66 -3.02
CA TYR B 298 6.52 -8.45 -2.98
C TYR B 298 7.27 -8.50 -1.64
N PRO B 299 7.55 -7.32 -1.04
CA PRO B 299 8.10 -7.48 0.29
C PRO B 299 7.32 -8.51 1.11
N GLU B 300 6.01 -8.37 1.23
CA GLU B 300 5.23 -9.30 2.03
C GLU B 300 5.63 -10.74 1.66
N PHE B 301 5.49 -11.06 0.38
CA PHE B 301 5.73 -12.41 -0.16
C PHE B 301 7.05 -13.01 0.30
N GLU B 302 8.12 -12.25 0.12
CA GLU B 302 9.48 -12.74 0.35
C GLU B 302 9.63 -13.38 1.75
N GLU B 303 9.20 -12.67 2.78
CA GLU B 303 9.02 -13.26 4.10
C GLU B 303 8.02 -14.38 3.82
N LYS B 304 8.49 -15.61 3.96
CA LYS B 304 7.76 -16.83 3.55
C LYS B 304 8.14 -17.89 4.61
N VAL B 305 7.75 -19.15 4.39
CA VAL B 305 8.16 -20.24 5.28
C VAL B 305 9.65 -20.29 5.64
N VAL B 306 10.53 -20.35 4.64
CA VAL B 306 11.97 -20.33 4.89
C VAL B 306 12.69 -20.36 3.54
N VAL B 340 10.46 -31.76 -14.95
CA VAL B 340 11.25 -32.59 -14.05
C VAL B 340 12.06 -31.77 -13.04
N GLY B 341 11.47 -30.69 -12.52
CA GLY B 341 12.12 -29.78 -11.54
C GLY B 341 11.74 -28.32 -11.77
N LYS B 342 11.96 -27.45 -10.78
CA LYS B 342 11.86 -26.00 -11.01
C LYS B 342 13.15 -25.61 -11.70
N GLN B 343 13.12 -25.44 -13.02
CA GLN B 343 14.37 -25.48 -13.83
C GLN B 343 15.07 -24.14 -14.09
N VAL B 344 16.22 -23.96 -13.45
CA VAL B 344 17.03 -22.74 -13.55
C VAL B 344 18.26 -23.01 -14.41
N VAL B 345 18.41 -22.22 -15.46
CA VAL B 345 19.60 -22.29 -16.31
C VAL B 345 20.56 -21.18 -15.84
N VAL B 346 21.78 -21.59 -15.49
CA VAL B 346 22.75 -20.75 -14.79
C VAL B 346 23.66 -20.06 -15.81
N VAL B 347 24.33 -18.97 -15.41
CA VAL B 347 25.39 -18.34 -16.23
C VAL B 347 26.75 -18.14 -15.55
N SER B 348 26.79 -17.98 -14.22
CA SER B 348 28.04 -17.59 -13.55
C SER B 348 28.10 -17.94 -12.04
N ARG B 349 29.07 -17.35 -11.33
CA ARG B 349 29.29 -17.57 -9.90
C ARG B 349 28.85 -16.36 -9.09
N VAL C 7 50.87 -32.49 12.61
CA VAL C 7 51.56 -31.16 12.71
C VAL C 7 50.79 -30.16 13.60
N VAL C 8 51.26 -30.01 14.82
CA VAL C 8 50.61 -29.17 15.80
C VAL C 8 51.57 -28.04 16.18
N VAL C 9 50.98 -26.86 16.39
CA VAL C 9 51.72 -25.62 16.55
C VAL C 9 51.05 -24.83 17.65
N VAL C 10 51.84 -23.99 18.34
CA VAL C 10 51.34 -23.13 19.41
C VAL C 10 50.46 -22.05 18.81
N ASN C 11 49.32 -21.80 19.44
CA ASN C 11 48.43 -20.72 19.02
C ASN C 11 48.03 -19.87 20.16
N LYS C 12 48.85 -18.88 20.46
CA LYS C 12 48.55 -17.95 21.49
C LYS C 12 47.28 -17.18 21.14
N GLN C 13 46.53 -16.79 22.18
CA GLN C 13 45.26 -16.07 22.00
C GLN C 13 45.07 -14.96 23.02
N VAL C 14 44.30 -13.94 22.67
CA VAL C 14 43.94 -12.85 23.59
C VAL C 14 42.42 -12.97 23.80
N LEU C 15 42.04 -13.33 25.02
CA LEU C 15 40.63 -13.58 25.32
C LEU C 15 40.02 -12.38 26.01
N LEU C 16 38.71 -12.28 25.87
CA LEU C 16 37.94 -11.42 26.71
C LEU C 16 37.72 -12.14 28.03
N LYS C 17 38.27 -11.58 29.10
CA LYS C 17 38.12 -12.15 30.46
C LYS C 17 36.67 -12.08 30.94
N HIS C 18 35.96 -10.99 30.66
CA HIS C 18 34.56 -10.86 31.09
C HIS C 18 33.93 -9.63 30.47
N PHE C 19 32.59 -9.60 30.46
CA PHE C 19 31.82 -8.42 30.03
C PHE C 19 32.10 -7.25 30.97
N ILE C 20 31.98 -6.05 30.47
CA ILE C 20 32.11 -4.90 31.35
C ILE C 20 30.94 -3.96 31.11
N PRO C 21 30.51 -3.25 32.17
CA PRO C 21 29.44 -2.24 32.03
C PRO C 21 30.00 -0.91 31.56
N GLU C 22 29.11 0.07 31.43
CA GLU C 22 29.55 1.43 31.15
C GLU C 22 30.78 1.70 32.05
N GLY C 23 31.67 2.56 31.57
CA GLY C 23 32.86 2.91 32.32
C GLY C 23 34.13 2.54 31.58
N ALA C 24 35.26 2.76 32.23
CA ALA C 24 36.56 2.61 31.61
C ALA C 24 36.84 1.17 31.29
N PRO C 25 37.64 0.93 30.23
CA PRO C 25 38.15 -0.38 29.87
C PRO C 25 39.59 -0.49 30.32
N LYS C 26 39.95 -1.66 30.84
CA LYS C 26 41.27 -1.90 31.45
C LYS C 26 41.96 -3.03 30.70
N GLU C 27 43.25 -2.88 30.42
CA GLU C 27 44.08 -3.99 29.90
C GLU C 27 43.75 -5.34 30.55
N THR C 28 43.59 -5.35 31.86
CA THR C 28 43.30 -6.57 32.61
C THR C 28 41.88 -7.11 32.41
N ASP C 29 41.06 -6.44 31.60
CA ASP C 29 39.80 -7.02 31.11
C ASP C 29 40.04 -8.10 30.03
N MET C 30 41.25 -8.16 29.48
CA MET C 30 41.63 -9.18 28.54
C MET C 30 42.74 -10.03 29.10
N GLU C 31 42.97 -11.22 28.56
CA GLU C 31 44.17 -11.99 28.93
C GLU C 31 44.75 -12.79 27.81
N LEU C 32 46.08 -12.78 27.77
CA LEU C 32 46.85 -13.60 26.87
C LEU C 32 46.96 -15.02 27.45
N VAL C 33 46.62 -16.03 26.67
CA VAL C 33 46.85 -17.42 27.07
C VAL C 33 47.81 -18.05 26.07
N THR C 34 48.77 -18.82 26.58
CA THR C 34 49.84 -19.45 25.77
C THR C 34 49.73 -20.96 25.61
N THR C 35 48.62 -21.55 26.03
CA THR C 35 48.52 -22.99 26.16
C THR C 35 47.80 -23.72 25.01
N GLY C 36 46.93 -23.02 24.27
CA GLY C 36 46.22 -23.58 23.13
C GLY C 36 47.14 -23.96 21.97
N THR C 37 46.64 -24.84 21.09
CA THR C 37 47.40 -25.32 19.94
C THR C 37 46.47 -25.62 18.79
N ILE C 38 47.03 -25.78 17.60
CA ILE C 38 46.18 -25.96 16.44
C ILE C 38 46.81 -26.81 15.33
N ARG C 39 45.98 -27.57 14.63
CA ARG C 39 46.45 -28.36 13.56
C ARG C 39 46.71 -27.39 12.44
N LEU C 40 47.76 -27.60 11.62
CA LEU C 40 48.01 -26.79 10.41
C LEU C 40 47.19 -27.20 9.19
N ARG C 41 46.15 -28.02 9.37
CA ARG C 41 45.30 -28.45 8.28
C ARG C 41 43.89 -28.11 8.68
N VAL C 42 43.09 -27.69 7.71
CA VAL C 42 41.65 -27.57 7.91
C VAL C 42 40.99 -28.98 8.00
N PRO C 43 39.85 -29.09 8.73
CA PRO C 43 39.14 -30.37 8.96
C PRO C 43 38.78 -31.03 7.69
N GLU C 44 38.93 -32.36 7.67
CA GLU C 44 38.66 -33.12 6.46
C GLU C 44 37.22 -32.72 6.01
N GLY C 45 37.06 -32.55 4.69
CA GLY C 45 35.76 -32.19 4.07
C GLY C 45 35.02 -30.94 4.52
N SER C 46 35.73 -29.96 5.10
CA SER C 46 35.20 -28.62 5.31
C SER C 46 35.88 -27.83 4.20
N ASN C 47 35.20 -26.83 3.64
CA ASN C 47 35.78 -26.06 2.54
C ASN C 47 36.27 -24.76 3.17
N ALA C 48 37.20 -24.90 4.11
CA ALA C 48 37.65 -23.79 4.94
C ALA C 48 39.07 -23.35 4.56
N VAL C 49 39.50 -22.26 5.15
CA VAL C 49 40.87 -21.81 4.99
C VAL C 49 41.43 -21.54 6.36
N LEU C 50 42.65 -21.99 6.56
CA LEU C 50 43.38 -21.73 7.80
C LEU C 50 44.35 -20.62 7.46
N LEU C 51 44.33 -19.56 8.28
CA LEU C 51 45.16 -18.39 8.07
C LEU C 51 46.23 -18.31 9.15
N LYS C 52 47.42 -17.87 8.73
CA LYS C 52 48.36 -17.33 9.67
C LYS C 52 48.12 -15.83 9.73
N ASN C 53 47.82 -15.33 10.94
CA ASN C 53 47.46 -13.95 11.17
C ASN C 53 48.68 -13.07 11.27
N LEU C 54 48.70 -11.95 10.55
CA LEU C 54 49.85 -11.06 10.47
C LEU C 54 49.61 -9.77 11.25
N TYR C 55 48.47 -9.13 10.96
CA TYR C 55 48.12 -7.85 11.55
C TYR C 55 46.67 -7.77 12.05
N LEU C 56 46.51 -7.09 13.16
CA LEU C 56 45.23 -6.86 13.74
C LEU C 56 45.00 -5.38 13.93
N SER C 57 43.77 -4.93 13.60
CA SER C 57 43.33 -3.53 13.77
C SER C 57 42.69 -3.33 15.13
N CYS C 58 42.98 -2.18 15.70
CA CYS C 58 42.33 -1.66 16.86
C CYS C 58 41.41 -0.55 16.32
N ASP C 59 40.10 -0.72 16.46
CA ASP C 59 39.05 0.15 15.97
C ASP C 59 38.12 0.60 17.14
N PRO C 60 37.65 1.86 17.16
CA PRO C 60 36.66 2.35 18.20
C PRO C 60 35.40 1.53 18.47
N TYR C 61 34.74 1.00 17.43
CA TYR C 61 33.51 0.18 17.60
C TYR C 61 33.76 -1.03 18.53
N MET C 62 35.02 -1.44 18.71
CA MET C 62 35.30 -2.60 19.55
C MET C 62 34.96 -2.44 21.04
N ARG C 63 34.89 -1.21 21.52
CA ARG C 63 34.43 -0.88 22.90
C ARG C 63 32.98 -1.35 23.14
N MET C 64 32.09 -1.27 22.16
CA MET C 64 30.71 -1.73 22.36
C MET C 64 30.63 -3.24 22.67
N ARG C 65 31.42 -4.05 21.98
CA ARG C 65 31.38 -5.52 22.07
C ARG C 65 31.89 -6.13 23.38
N MET C 66 32.55 -5.30 24.20
CA MET C 66 32.98 -5.66 25.56
C MET C 66 31.83 -5.47 26.58
N THR C 67 30.71 -4.93 26.13
CA THR C 67 29.56 -4.79 26.96
C THR C 67 28.40 -5.55 26.36
N LYS C 68 27.70 -6.30 27.22
CA LYS C 68 26.49 -7.06 26.88
C LYS C 68 25.37 -6.13 26.48
N HIS C 69 24.65 -6.54 25.43
CA HIS C 69 23.50 -5.84 24.86
C HIS C 69 22.30 -6.75 24.93
N VAL C 75 25.18 -4.99 16.07
CA VAL C 75 26.31 -5.02 16.98
C VAL C 75 26.52 -6.37 17.67
N ASP C 76 27.45 -7.17 17.18
CA ASP C 76 27.67 -8.49 17.74
C ASP C 76 28.60 -8.46 18.94
N ASP C 77 28.30 -9.20 19.97
CA ASP C 77 28.98 -9.06 21.24
C ASP C 77 30.19 -9.91 21.25
N PHE C 78 31.13 -9.58 22.12
CA PHE C 78 32.27 -10.48 22.34
C PHE C 78 31.87 -11.60 23.28
N VAL C 79 32.68 -12.63 23.32
CA VAL C 79 32.35 -13.76 24.13
C VAL C 79 33.38 -13.98 25.22
N PRO C 80 32.96 -13.92 26.49
CA PRO C 80 33.92 -14.14 27.58
C PRO C 80 34.54 -15.52 27.53
N GLY C 81 35.86 -15.59 27.65
CA GLY C 81 36.57 -16.85 27.60
C GLY C 81 36.86 -17.25 26.17
N ALA C 82 36.47 -16.41 25.20
CA ALA C 82 36.94 -16.58 23.82
C ALA C 82 37.81 -15.39 23.35
N PRO C 83 38.62 -15.63 22.33
CA PRO C 83 39.44 -14.59 21.73
C PRO C 83 38.68 -13.42 21.21
N ILE C 84 39.19 -12.23 21.47
CA ILE C 84 38.64 -11.07 20.86
C ILE C 84 38.69 -11.35 19.35
N THR C 85 37.71 -10.83 18.62
CA THR C 85 37.75 -10.86 17.20
C THR C 85 37.79 -9.42 16.71
N GLY C 86 38.20 -9.25 15.46
CA GLY C 86 38.24 -7.93 14.80
C GLY C 86 38.92 -8.02 13.44
N PHE C 87 38.97 -6.91 12.75
CA PHE C 87 39.56 -6.89 11.40
C PHE C 87 41.09 -7.02 11.42
N GLY C 88 41.60 -7.69 10.41
CA GLY C 88 43.00 -7.93 10.33
C GLY C 88 43.37 -8.51 9.00
N VAL C 89 44.63 -8.95 8.89
CA VAL C 89 45.19 -9.45 7.67
C VAL C 89 45.89 -10.74 7.98
N GLY C 90 45.78 -11.72 7.09
CA GLY C 90 46.38 -13.01 7.30
C GLY C 90 46.91 -13.60 6.00
N LYS C 91 47.69 -14.67 6.16
CA LYS C 91 48.22 -15.48 5.05
C LYS C 91 47.55 -16.88 5.11
N VAL C 92 47.20 -17.41 3.95
CA VAL C 92 46.57 -18.70 3.88
C VAL C 92 47.64 -19.75 4.00
N VAL C 93 47.49 -20.58 5.04
CA VAL C 93 48.36 -21.72 5.34
C VAL C 93 47.78 -22.96 4.67
N ASP C 94 46.46 -23.12 4.67
CA ASP C 94 45.78 -24.28 4.10
C ASP C 94 44.35 -23.93 3.73
N SER C 95 43.92 -24.41 2.57
CA SER C 95 42.59 -24.12 2.09
C SER C 95 42.12 -25.32 1.29
N SER C 96 40.99 -25.91 1.70
CA SER C 96 40.22 -26.76 0.79
C SER C 96 38.94 -26.10 0.19
N HIS C 97 39.01 -24.80 -0.01
CA HIS C 97 38.01 -23.93 -0.66
C HIS C 97 38.49 -23.46 -2.07
N PRO C 98 37.63 -23.48 -3.09
CA PRO C 98 38.14 -23.25 -4.46
C PRO C 98 38.79 -21.91 -4.78
N ASP C 99 38.35 -20.84 -4.13
CA ASP C 99 38.80 -19.47 -4.39
C ASP C 99 39.99 -19.01 -3.59
N PHE C 100 40.59 -19.89 -2.78
CA PHE C 100 41.71 -19.53 -1.92
C PHE C 100 42.77 -20.63 -2.00
N LYS C 101 44.03 -20.24 -2.16
CA LYS C 101 45.15 -21.17 -2.15
C LYS C 101 46.26 -20.77 -1.13
N THR C 102 47.20 -21.67 -0.89
CA THR C 102 48.30 -21.44 0.02
C THR C 102 49.10 -20.24 -0.43
N GLY C 103 49.37 -19.34 0.52
CA GLY C 103 50.11 -18.12 0.21
C GLY C 103 49.28 -16.93 -0.27
N ASP C 104 47.99 -17.09 -0.56
CA ASP C 104 47.14 -15.93 -0.78
C ASP C 104 47.11 -15.03 0.48
N TYR C 105 47.06 -13.72 0.29
CA TYR C 105 46.90 -12.79 1.45
C TYR C 105 45.48 -12.26 1.46
N VAL C 106 44.92 -12.14 2.65
CA VAL C 106 43.53 -11.79 2.82
C VAL C 106 43.29 -10.86 4.01
N TRP C 107 42.15 -10.18 3.98
CA TRP C 107 41.75 -9.43 5.15
C TRP C 107 40.31 -9.70 5.43
N GLY C 108 39.92 -9.45 6.66
CA GLY C 108 38.58 -9.80 7.13
C GLY C 108 38.54 -9.93 8.62
N LEU C 109 37.45 -10.53 9.12
CA LEU C 109 37.20 -10.69 10.53
C LEU C 109 37.98 -11.93 10.97
N ILE C 110 38.93 -11.75 11.90
CA ILE C 110 39.77 -12.84 12.36
C ILE C 110 39.91 -12.75 13.89
N GLY C 111 40.48 -13.78 14.51
CA GLY C 111 40.71 -13.79 15.92
C GLY C 111 42.01 -13.10 16.30
N TRP C 112 42.09 -12.67 17.57
CA TRP C 112 43.30 -12.16 18.20
C TRP C 112 44.06 -13.40 18.69
N GLU C 113 44.74 -14.00 17.72
CA GLU C 113 45.45 -15.23 17.91
C GLU C 113 46.43 -15.34 16.71
N GLU C 114 47.33 -16.29 16.80
CA GLU C 114 48.36 -16.44 15.84
C GLU C 114 47.87 -17.10 14.56
N TYR C 115 46.78 -17.83 14.67
CA TYR C 115 46.21 -18.65 13.63
C TYR C 115 44.66 -18.69 13.77
N SER C 116 43.91 -18.43 12.68
CA SER C 116 42.45 -18.50 12.68
C SER C 116 41.91 -19.44 11.66
N LEU C 117 41.01 -20.34 12.10
CA LEU C 117 40.28 -21.17 11.14
C LEU C 117 39.08 -20.40 10.62
N ILE C 118 39.04 -20.09 9.33
CA ILE C 118 37.91 -19.40 8.75
C ILE C 118 37.02 -20.44 8.11
N THR C 119 35.95 -20.74 8.81
CA THR C 119 34.93 -21.69 8.39
C THR C 119 34.02 -21.22 7.20
N LYS C 120 33.84 -19.89 7.07
CA LYS C 120 33.06 -19.23 6.02
C LYS C 120 34.01 -18.35 5.21
N PRO C 121 34.78 -18.93 4.29
CA PRO C 121 35.78 -18.13 3.55
C PRO C 121 35.19 -17.02 2.68
N GLN C 122 33.92 -17.13 2.38
CA GLN C 122 33.24 -16.12 1.62
C GLN C 122 33.25 -14.71 2.28
N GLY C 123 33.46 -14.62 3.58
CA GLY C 123 33.61 -13.29 4.22
C GLY C 123 35.03 -12.70 4.18
N LEU C 124 35.94 -13.31 3.44
CA LEU C 124 37.33 -12.80 3.28
C LEU C 124 37.48 -12.02 1.96
N PHE C 125 38.20 -10.90 2.01
CA PHE C 125 38.63 -10.18 0.80
C PHE C 125 40.06 -10.56 0.44
N LYS C 126 40.24 -10.93 -0.82
CA LYS C 126 41.54 -11.23 -1.37
C LYS C 126 42.31 -9.92 -1.48
N ILE C 127 43.51 -9.87 -0.95
CA ILE C 127 44.38 -8.73 -1.20
C ILE C 127 44.99 -8.83 -2.59
N HIS C 128 44.62 -7.90 -3.49
CA HIS C 128 45.16 -7.91 -4.88
C HIS C 128 46.50 -7.18 -5.03
N HIS C 129 46.72 -6.17 -4.19
CA HIS C 129 47.91 -5.34 -4.28
C HIS C 129 48.88 -5.57 -3.14
N THR C 130 49.66 -6.63 -3.26
CA THR C 130 50.67 -7.03 -2.29
C THR C 130 51.95 -6.23 -2.41
N GLU C 131 52.02 -5.28 -3.33
CA GLU C 131 53.14 -4.31 -3.39
C GLU C 131 52.95 -3.13 -2.45
N ILE C 132 51.72 -2.94 -1.92
CA ILE C 132 51.37 -1.95 -0.86
C ILE C 132 51.60 -2.66 0.46
N PRO C 133 52.15 -1.98 1.48
CA PRO C 133 52.39 -2.70 2.72
C PRO C 133 51.08 -3.30 3.21
N LEU C 134 51.10 -4.52 3.73
CA LEU C 134 49.85 -5.24 4.05
C LEU C 134 49.15 -4.69 5.29
N SER C 135 49.89 -4.03 6.18
CA SER C 135 49.26 -3.42 7.35
C SER C 135 48.14 -2.44 6.94
N TYR C 136 48.36 -1.72 5.84
CA TYR C 136 47.40 -0.76 5.31
C TYR C 136 46.02 -1.33 5.17
N TYR C 137 45.96 -2.63 4.90
CA TYR C 137 44.65 -3.34 4.80
C TYR C 137 43.95 -3.58 6.13
N THR C 138 44.56 -3.11 7.23
CA THR C 138 43.86 -2.98 8.53
C THR C 138 43.20 -1.62 8.73
N GLY C 139 43.52 -0.63 7.89
CA GLY C 139 42.99 0.71 8.02
C GLY C 139 42.48 1.37 6.75
N ILE C 140 43.39 1.98 6.01
CA ILE C 140 43.07 2.82 4.87
C ILE C 140 42.65 1.98 3.70
N LEU C 141 43.14 0.77 3.58
CA LEU C 141 42.66 -0.06 2.50
C LEU C 141 41.76 -1.13 3.09
N GLY C 142 41.35 -0.91 4.34
CA GLY C 142 40.45 -1.81 5.04
C GLY C 142 39.11 -1.17 5.35
N MET C 143 38.47 -1.68 6.41
CA MET C 143 37.17 -1.27 6.91
C MET C 143 37.10 0.23 7.19
N VAL C 144 38.15 0.74 7.78
CA VAL C 144 38.29 2.14 8.15
C VAL C 144 38.15 2.99 6.91
N GLY C 145 39.00 2.70 5.94
CA GLY C 145 39.03 3.46 4.70
C GLY C 145 37.71 3.34 4.03
N LEU C 146 37.16 2.14 3.96
CA LEU C 146 35.89 1.92 3.26
C LEU C 146 34.76 2.70 3.98
N THR C 147 34.79 2.74 5.31
CA THR C 147 33.87 3.58 6.10
C THR C 147 33.87 5.06 5.68
N ALA C 148 35.05 5.60 5.51
CA ALA C 148 35.22 7.00 5.05
C ALA C 148 34.69 7.24 3.64
N TYR C 149 34.99 6.26 2.76
CA TYR C 149 34.64 6.29 1.34
C TYR C 149 33.16 6.34 1.16
N VAL C 150 32.44 5.36 1.70
CA VAL C 150 30.99 5.30 1.50
C VAL C 150 30.32 6.47 2.27
N GLY C 151 30.84 6.84 3.44
CA GLY C 151 30.27 7.92 4.25
C GLY C 151 30.41 9.29 3.64
N PHE C 152 31.52 9.54 3.00
CA PHE C 152 31.68 10.78 2.34
C PHE C 152 31.02 10.79 0.92
N TYR C 153 31.42 9.85 0.05
CA TYR C 153 31.04 9.95 -1.38
C TYR C 153 29.59 9.62 -1.59
N ASP C 154 29.06 8.71 -0.79
CA ASP C 154 27.67 8.32 -0.89
C ASP C 154 26.71 9.08 0.01
N ILE C 155 26.96 9.07 1.33
CA ILE C 155 25.96 9.51 2.31
C ILE C 155 25.96 11.05 2.44
N CYS C 156 27.09 11.72 2.22
CA CYS C 156 27.13 13.21 2.21
C CYS C 156 26.72 13.86 0.87
N SER C 157 26.63 13.09 -0.23
CA SER C 157 26.27 13.65 -1.55
C SER C 157 27.00 14.91 -1.88
N PRO C 158 28.31 14.93 -1.71
CA PRO C 158 29.03 16.18 -1.79
C PRO C 158 29.15 16.73 -3.21
N LYS C 159 29.36 18.04 -3.28
CA LYS C 159 29.67 18.78 -4.50
C LYS C 159 30.89 19.65 -4.26
N LYS C 160 31.63 19.90 -5.34
CA LYS C 160 32.85 20.72 -5.30
C LYS C 160 32.55 22.06 -4.67
N GLY C 161 33.45 22.57 -3.85
CA GLY C 161 33.28 23.89 -3.25
C GLY C 161 32.47 23.92 -1.98
N GLU C 162 31.96 22.78 -1.54
CA GLU C 162 31.14 22.78 -0.35
C GLU C 162 31.99 22.75 0.89
N ARG C 163 31.34 23.01 2.01
CA ARG C 163 31.98 23.32 3.25
C ARG C 163 31.77 22.17 4.24
N VAL C 164 32.86 21.55 4.62
CA VAL C 164 32.81 20.24 5.32
C VAL C 164 33.45 20.31 6.70
N PHE C 165 32.72 19.79 7.68
CA PHE C 165 33.23 19.64 9.03
C PHE C 165 33.31 18.19 9.47
N VAL C 166 34.45 17.82 10.02
CA VAL C 166 34.71 16.46 10.45
C VAL C 166 35.00 16.46 11.95
N SER C 167 34.11 15.86 12.74
CA SER C 167 34.42 15.64 14.17
C SER C 167 35.30 14.39 14.31
N ALA C 168 35.97 14.27 15.45
CA ALA C 168 37.09 13.29 15.68
C ALA C 168 38.01 13.24 14.53
N ALA C 169 38.18 14.36 13.85
CA ALA C 169 38.98 14.36 12.61
C ALA C 169 40.32 13.68 12.72
N ALA C 170 40.90 13.68 13.91
CA ALA C 170 42.22 13.05 14.15
C ALA C 170 42.19 11.54 14.09
N GLY C 171 40.99 10.96 14.28
CA GLY C 171 40.80 9.49 14.31
C GLY C 171 41.05 8.92 12.95
N ALA C 172 41.14 7.60 12.87
CA ALA C 172 41.50 7.01 11.59
C ALA C 172 40.47 7.39 10.48
N VAL C 173 39.17 7.28 10.75
CA VAL C 173 38.18 7.57 9.72
C VAL C 173 38.22 9.03 9.27
N GLY C 174 38.17 9.93 10.26
CA GLY C 174 38.11 11.36 10.03
C GLY C 174 39.24 11.86 9.17
N GLN C 175 40.46 11.46 9.47
CA GLN C 175 41.62 11.84 8.65
C GLN C 175 41.42 11.53 7.20
N ILE C 176 40.82 10.39 6.92
CA ILE C 176 40.63 9.92 5.57
C ILE C 176 39.50 10.70 4.90
N VAL C 177 38.37 10.86 5.59
CA VAL C 177 37.25 11.67 5.09
C VAL C 177 37.76 13.03 4.62
N GLY C 178 38.52 13.69 5.48
CA GLY C 178 39.03 15.02 5.19
C GLY C 178 39.85 15.09 3.92
N GLN C 179 40.66 14.07 3.67
CA GLN C 179 41.51 14.03 2.48
C GLN C 179 40.72 13.72 1.24
N PHE C 180 39.73 12.84 1.38
CA PHE C 180 38.80 12.63 0.27
C PHE C 180 38.10 13.96 -0.05
N ALA C 181 37.73 14.71 0.99
CA ALA C 181 37.03 15.97 0.79
C ALA C 181 37.94 17.04 0.19
N LYS C 182 39.13 17.17 0.72
CA LYS C 182 40.03 18.15 0.13
C LYS C 182 40.23 17.81 -1.34
N GLN C 183 40.53 16.53 -1.64
CA GLN C 183 40.73 16.05 -3.04
C GLN C 183 39.50 16.30 -3.94
N PHE C 184 38.31 16.39 -3.34
CA PHE C 184 37.09 16.63 -4.08
C PHE C 184 36.87 18.10 -4.34
N GLY C 185 37.70 18.97 -3.76
CA GLY C 185 37.53 20.44 -3.90
C GLY C 185 36.67 21.11 -2.82
N CYS C 186 36.56 20.48 -1.67
CA CYS C 186 35.77 21.07 -0.60
C CYS C 186 36.66 21.87 0.32
N TYR C 187 36.03 22.83 1.02
CA TYR C 187 36.62 23.50 2.16
C TYR C 187 36.40 22.58 3.38
N VAL C 188 37.45 22.35 4.16
CA VAL C 188 37.47 21.29 5.16
C VAL C 188 38.09 21.68 6.51
N VAL C 189 37.29 21.50 7.54
CA VAL C 189 37.66 21.89 8.90
C VAL C 189 37.46 20.65 9.73
N GLY C 190 38.31 20.50 10.76
CA GLY C 190 38.25 19.35 11.62
C GLY C 190 38.38 19.64 13.10
N SER C 191 37.96 18.68 13.90
CA SER C 191 37.93 18.78 15.35
C SER C 191 38.78 17.66 15.96
N ALA C 192 39.55 17.99 16.99
CA ALA C 192 40.31 16.99 17.75
C ALA C 192 40.51 17.43 19.19
N GLY C 193 41.03 16.51 20.01
CA GLY C 193 41.16 16.72 21.46
C GLY C 193 42.53 17.15 22.00
N SER C 194 43.48 17.47 21.12
CA SER C 194 44.82 17.87 21.57
C SER C 194 45.51 18.69 20.50
N ASP C 195 46.37 19.60 20.93
CA ASP C 195 47.09 20.48 20.02
C ASP C 195 47.98 19.70 19.08
N GLU C 196 48.61 18.64 19.58
CA GLU C 196 49.47 17.79 18.75
C GLU C 196 48.69 17.32 17.55
N LYS C 197 47.46 16.89 17.76
CA LYS C 197 46.59 16.38 16.68
C LYS C 197 46.03 17.51 15.77
N VAL C 198 45.75 18.69 16.33
CA VAL C 198 45.32 19.84 15.52
C VAL C 198 46.38 20.27 14.51
N ASN C 199 47.65 20.24 14.93
CA ASN C 199 48.78 20.53 14.04
C ASN C 199 48.85 19.61 12.83
N LEU C 200 48.83 18.30 13.08
CA LEU C 200 49.13 17.35 12.01
C LEU C 200 48.05 17.32 10.93
N LEU C 201 46.81 17.61 11.35
CA LEU C 201 45.65 17.65 10.46
C LEU C 201 45.82 18.78 9.45
N LYS C 202 46.46 19.88 9.90
CA LYS C 202 46.77 21.00 9.03
C LYS C 202 48.03 20.67 8.16
N THR C 203 49.15 20.26 8.78
CA THR C 203 50.45 20.10 8.07
C THR C 203 50.68 18.76 7.33
N LYS C 204 50.08 17.68 7.86
CA LYS C 204 50.12 16.33 7.26
C LYS C 204 48.88 16.01 6.40
N PHE C 205 47.69 16.35 6.90
CA PHE C 205 46.43 15.96 6.26
C PHE C 205 45.60 17.03 5.52
N GLY C 206 46.28 18.07 5.07
CA GLY C 206 45.72 19.12 4.22
C GLY C 206 44.36 19.70 4.71
N PHE C 207 44.02 19.55 5.99
CA PHE C 207 42.83 20.25 6.49
C PHE C 207 43.12 21.76 6.38
N ASP C 208 42.26 22.48 5.67
CA ASP C 208 42.26 23.95 5.74
C ASP C 208 42.43 24.46 7.20
N GLU C 209 41.54 24.04 8.12
CA GLU C 209 41.59 24.48 9.55
C GLU C 209 41.26 23.36 10.55
N ALA C 210 41.83 23.41 11.75
CA ALA C 210 41.50 22.43 12.79
C ALA C 210 41.59 23.13 14.16
N PHE C 211 40.74 22.72 15.11
CA PHE C 211 40.74 23.30 16.49
C PHE C 211 40.61 22.24 17.57
N ASN C 212 40.95 22.61 18.80
CA ASN C 212 40.92 21.71 19.95
C ASN C 212 39.62 21.92 20.72
N TYR C 213 38.72 20.93 20.69
CA TYR C 213 37.37 21.12 21.25
C TYR C 213 37.42 21.28 22.77
N LYS C 214 38.47 20.73 23.37
CA LYS C 214 38.64 20.87 24.82
C LYS C 214 38.96 22.32 25.24
N LYS C 215 39.55 23.10 24.34
CA LYS C 215 39.94 24.47 24.65
C LYS C 215 38.90 25.51 24.14
N GLU C 216 37.61 25.14 24.03
CA GLU C 216 36.56 26.03 23.47
C GLU C 216 35.35 26.10 24.42
N PRO C 217 35.10 27.25 25.02
CA PRO C 217 33.93 27.32 25.90
C PRO C 217 32.57 27.14 25.25
N ASP C 218 32.44 27.50 23.96
CA ASP C 218 31.15 27.55 23.25
C ASP C 218 31.34 27.12 21.82
N LEU C 219 31.09 25.85 21.54
CA LEU C 219 31.45 25.27 20.25
C LEU C 219 30.66 25.85 19.11
N THR C 220 29.51 26.41 19.42
CA THR C 220 28.74 27.15 18.42
C THR C 220 29.58 28.31 17.88
N LYS C 221 30.11 29.14 18.78
CA LYS C 221 30.89 30.32 18.39
C LYS C 221 32.17 29.91 17.63
N ALA C 222 32.78 28.81 18.07
CA ALA C 222 33.97 28.24 17.43
C ALA C 222 33.71 27.84 16.00
N LEU C 223 32.66 27.10 15.79
CA LEU C 223 32.34 26.72 14.44
C LEU C 223 32.03 27.93 13.55
N LYS C 224 31.41 28.96 14.12
CA LYS C 224 31.15 30.20 13.40
C LYS C 224 32.45 30.82 12.87
N ARG C 225 33.45 30.80 13.74
CA ARG C 225 34.75 31.35 13.44
C ARG C 225 35.31 30.69 12.20
N TYR C 226 35.26 29.36 12.09
CA TYR C 226 35.83 28.66 10.91
C TYR C 226 34.89 28.53 9.69
N PHE C 227 33.61 28.83 9.88
CA PHE C 227 32.61 28.74 8.82
C PHE C 227 31.73 29.98 8.77
N PRO C 228 32.25 31.09 8.25
CA PRO C 228 31.48 32.36 8.24
C PRO C 228 30.15 32.26 7.48
N GLU C 229 30.18 31.55 6.37
CA GLU C 229 29.01 31.31 5.53
C GLU C 229 28.32 29.99 5.85
N GLY C 230 28.65 29.38 6.99
CA GLY C 230 27.98 28.14 7.47
C GLY C 230 28.53 26.85 6.93
N ILE C 231 27.96 25.71 7.38
CA ILE C 231 28.39 24.35 7.05
C ILE C 231 27.43 23.62 6.11
N ASP C 232 27.95 23.04 5.05
CA ASP C 232 27.17 22.18 4.13
C ASP C 232 27.12 20.71 4.52
N ILE C 233 28.25 20.20 5.04
CA ILE C 233 28.43 18.79 5.36
C ILE C 233 29.12 18.55 6.70
N TYR C 234 28.48 17.70 7.52
CA TYR C 234 29.04 17.28 8.78
C TYR C 234 29.25 15.76 8.76
N PHE C 235 30.49 15.32 8.93
CA PHE C 235 30.80 13.90 9.13
C PHE C 235 30.81 13.69 10.62
N GLU C 236 29.84 12.94 11.12
CA GLU C 236 29.56 12.86 12.54
C GLU C 236 30.15 11.60 13.14
N ASN C 237 31.00 11.79 14.16
CA ASN C 237 31.64 10.71 14.93
C ASN C 237 31.37 10.81 16.42
N VAL C 238 30.70 11.88 16.86
CA VAL C 238 30.72 12.30 18.27
C VAL C 238 29.33 12.53 18.88
N GLY C 239 28.56 13.43 18.29
CA GLY C 239 27.22 13.71 18.78
C GLY C 239 27.16 14.77 19.84
N GLY C 240 26.00 14.86 20.45
CA GLY C 240 25.80 15.72 21.61
C GLY C 240 25.92 17.20 21.33
N PRO C 241 26.57 17.93 22.25
CA PRO C 241 26.75 19.37 22.05
C PRO C 241 27.47 19.70 20.73
N MET C 242 28.42 18.89 20.29
CA MET C 242 29.06 19.19 18.99
C MET C 242 28.03 19.18 17.87
N LEU C 243 27.10 18.23 17.90
CA LEU C 243 26.01 18.18 16.94
C LEU C 243 25.10 19.39 17.05
N GLU C 244 24.84 19.85 18.27
CA GLU C 244 24.03 21.02 18.43
C GLU C 244 24.73 22.23 17.79
N ALA C 245 26.03 22.27 18.01
CA ALA C 245 26.81 23.37 17.46
C ALA C 245 26.78 23.36 15.95
N VAL C 246 26.95 22.19 15.33
CA VAL C 246 26.82 22.06 13.88
C VAL C 246 25.45 22.49 13.36
N LEU C 247 24.38 22.00 13.98
CA LEU C 247 23.04 22.40 13.56
C LEU C 247 22.84 23.92 13.57
N HIS C 248 23.30 24.61 14.61
CA HIS C 248 23.24 26.08 14.62
C HIS C 248 23.98 26.69 13.45
N ASN C 249 25.13 26.10 13.08
CA ASN C 249 25.99 26.62 12.00
C ASN C 249 25.75 25.98 10.62
N MET C 250 24.71 25.15 10.46
CA MET C 250 24.51 24.41 9.19
C MET C 250 23.71 25.23 8.20
N ARG C 251 24.06 25.07 6.92
CA ARG C 251 23.43 25.78 5.82
C ARG C 251 22.20 25.06 5.38
N ILE C 252 21.38 25.73 4.55
CA ILE C 252 20.18 25.15 3.93
C ILE C 252 20.60 23.91 3.18
N LYS C 253 19.77 22.87 3.27
CA LYS C 253 20.01 21.60 2.58
C LYS C 253 21.35 20.93 2.99
N GLY C 254 21.85 21.21 4.19
CA GLY C 254 23.08 20.57 4.65
C GLY C 254 22.90 19.08 4.92
N ARG C 255 24.00 18.38 5.15
CA ARG C 255 23.94 16.93 5.23
C ARG C 255 24.86 16.40 6.32
N ILE C 256 24.34 15.46 7.10
CA ILE C 256 25.05 14.88 8.23
C ILE C 256 25.11 13.37 8.08
N ALA C 257 26.32 12.84 7.99
CA ALA C 257 26.49 11.42 7.89
C ALA C 257 26.83 10.97 9.24
N ALA C 258 25.93 10.22 9.85
CA ALA C 258 26.10 9.80 11.25
C ALA C 258 26.81 8.47 11.31
N CYS C 259 28.13 8.54 11.50
CA CYS C 259 29.00 7.36 11.47
C CYS C 259 29.19 6.78 12.85
N GLY C 260 29.29 7.65 13.85
CA GLY C 260 29.33 7.26 15.24
C GLY C 260 28.94 8.42 16.17
N MET C 261 28.56 8.10 17.42
CA MET C 261 28.11 9.08 18.39
C MET C 261 28.63 8.84 19.83
N PRO C 270 26.23 11.57 24.23
CA PRO C 270 25.08 11.17 25.03
C PRO C 270 24.37 12.35 25.74
N GLU C 271 24.94 13.57 25.72
CA GLU C 271 24.27 14.77 26.27
C GLU C 271 23.27 15.22 25.23
N GLY C 272 22.06 15.51 25.68
CA GLY C 272 20.93 15.68 24.76
C GLY C 272 21.10 16.71 23.65
N VAL C 273 20.32 16.49 22.58
CA VAL C 273 20.22 17.45 21.48
C VAL C 273 18.87 18.18 21.59
N HIS C 274 18.94 19.48 21.76
CA HIS C 274 17.72 20.30 21.98
C HIS C 274 17.38 21.12 20.72
N ASN C 275 18.14 20.83 19.69
CA ASN C 275 18.35 21.69 18.59
C ASN C 275 17.67 21.21 17.29
N LEU C 276 17.15 19.98 17.31
CA LEU C 276 16.74 19.25 16.10
C LEU C 276 15.68 19.90 15.28
N PHE C 277 14.83 20.75 15.87
CA PHE C 277 13.81 21.42 15.10
C PHE C 277 14.42 22.21 13.95
N LEU C 278 15.67 22.64 14.12
CA LEU C 278 16.37 23.33 13.03
C LEU C 278 16.43 22.49 11.75
N ILE C 279 16.25 21.20 11.89
CA ILE C 279 16.29 20.28 10.77
C ILE C 279 15.19 20.61 9.80
N VAL C 280 14.11 21.21 10.32
CA VAL C 280 12.93 21.49 9.50
C VAL C 280 13.10 22.73 8.65
N GLY C 281 13.42 23.85 9.28
CA GLY C 281 13.63 25.11 8.59
C GLY C 281 14.86 25.11 7.72
N LYS C 282 15.87 24.29 8.03
CA LYS C 282 17.09 24.19 7.19
C LYS C 282 17.10 23.00 6.20
N ARG C 283 16.05 22.18 6.25
CA ARG C 283 15.89 21.07 5.32
C ARG C 283 17.11 20.17 5.30
N ILE C 284 17.54 19.80 6.50
CA ILE C 284 18.74 19.01 6.73
C ILE C 284 18.38 17.53 6.71
N ARG C 285 19.29 16.75 6.11
CA ARG C 285 19.23 15.29 6.09
C ARG C 285 20.26 14.74 7.06
N LEU C 286 19.79 13.99 8.05
CA LEU C 286 20.66 13.40 9.08
C LEU C 286 20.48 11.92 9.03
N GLU C 287 21.50 11.25 8.49
CA GLU C 287 21.39 9.85 8.15
C GLU C 287 22.53 9.03 8.73
N GLY C 288 22.16 7.97 9.42
CA GLY C 288 23.13 7.01 9.86
C GLY C 288 23.41 5.97 8.78
N PHE C 289 24.60 5.40 8.88
CA PHE C 289 25.01 4.28 8.02
C PHE C 289 25.99 3.35 8.76
N LEU C 290 26.10 2.14 8.28
CA LEU C 290 26.98 1.14 8.81
C LEU C 290 27.77 0.59 7.65
N VAL C 291 29.10 0.58 7.77
CA VAL C 291 29.97 0.09 6.70
C VAL C 291 29.62 -1.34 6.24
N PHE C 292 29.09 -2.15 7.16
CA PHE C 292 28.68 -3.55 6.86
C PHE C 292 27.66 -3.73 5.74
N ASP C 293 26.90 -2.69 5.41
CA ASP C 293 25.98 -2.77 4.29
C ASP C 293 26.64 -2.55 2.95
N HIS C 294 27.90 -2.12 2.94
CA HIS C 294 28.50 -1.62 1.72
C HIS C 294 29.73 -2.38 1.27
N TYR C 295 29.78 -3.68 1.56
CA TYR C 295 30.90 -4.53 1.12
C TYR C 295 31.02 -4.62 -0.38
N GLY C 296 29.87 -4.55 -1.07
CA GLY C 296 29.84 -4.50 -2.53
C GLY C 296 30.58 -3.31 -3.14
N SER C 297 30.79 -2.25 -2.36
CA SER C 297 31.55 -1.09 -2.85
C SER C 297 33.07 -1.25 -2.69
N TYR C 298 33.52 -2.33 -2.07
CA TYR C 298 34.91 -2.49 -1.82
C TYR C 298 35.81 -2.55 -3.09
N PRO C 299 35.49 -3.40 -4.10
CA PRO C 299 36.39 -3.46 -5.26
C PRO C 299 36.65 -2.11 -5.89
N GLU C 300 35.62 -1.33 -6.10
CA GLU C 300 35.79 0.04 -6.58
C GLU C 300 36.73 0.82 -5.61
N PHE C 301 36.43 0.76 -4.31
CA PHE C 301 37.20 1.50 -3.31
C PHE C 301 38.69 1.14 -3.35
N GLU C 302 39.01 -0.16 -3.46
CA GLU C 302 40.38 -0.61 -3.43
C GLU C 302 41.13 0.00 -4.60
N GLU C 303 40.48 -0.01 -5.77
CA GLU C 303 41.04 0.52 -7.01
C GLU C 303 41.40 2.00 -6.86
N LYS C 304 40.42 2.78 -6.38
CA LYS C 304 40.62 4.22 -6.21
C LYS C 304 41.74 4.55 -5.24
N VAL C 305 41.75 3.86 -4.09
CA VAL C 305 42.65 4.22 -3.00
C VAL C 305 44.09 3.72 -3.24
N VAL C 306 44.23 2.55 -3.84
CA VAL C 306 45.52 2.06 -4.25
C VAL C 306 46.11 3.09 -5.24
N GLN C 307 45.29 3.57 -6.15
CA GLN C 307 45.79 4.55 -7.15
C GLN C 307 46.22 5.83 -6.44
N LEU C 308 45.40 6.36 -5.54
CA LEU C 308 45.79 7.56 -4.82
C LEU C 308 47.13 7.36 -4.09
N ILE C 309 47.32 6.20 -3.48
CA ILE C 309 48.52 5.93 -2.74
C ILE C 309 49.73 5.86 -3.65
N LYS C 310 49.55 5.28 -4.85
CA LYS C 310 50.66 5.09 -5.73
C LYS C 310 50.96 6.40 -6.43
N GLU C 311 49.91 7.21 -6.64
CA GLU C 311 50.05 8.61 -7.10
C GLU C 311 50.57 9.55 -6.00
N GLU C 312 50.72 9.07 -4.76
CA GLU C 312 51.12 9.93 -3.65
C GLU C 312 50.15 11.09 -3.39
N LYS C 313 48.84 10.87 -3.57
CA LYS C 313 47.81 11.92 -3.35
CA LYS C 313 47.80 11.91 -3.36
C LYS C 313 47.04 11.71 -2.05
N ILE C 314 47.48 10.80 -1.22
CA ILE C 314 46.85 10.63 0.04
C ILE C 314 47.93 10.23 1.03
N LYS C 315 47.75 10.60 2.28
CA LYS C 315 48.77 10.41 3.29
C LYS C 315 48.19 9.57 4.40
N TYR C 316 49.04 8.80 5.08
CA TYR C 316 48.54 7.86 6.06
C TYR C 316 49.62 7.50 7.08
N LEU C 317 49.31 7.61 8.35
CA LEU C 317 50.24 7.22 9.39
C LEU C 317 49.66 6.03 10.12
N GLU C 318 50.53 5.11 10.50
CA GLU C 318 50.13 3.97 11.32
C GLU C 318 50.85 4.05 12.65
N ASP C 319 50.20 3.61 13.71
CA ASP C 319 50.78 3.41 15.04
C ASP C 319 50.96 1.90 15.09
N ILE C 320 52.20 1.43 15.13
CA ILE C 320 52.52 0.01 15.04
C ILE C 320 53.06 -0.56 16.33
N VAL C 321 52.30 -1.44 16.93
CA VAL C 321 52.67 -2.16 18.16
C VAL C 321 53.05 -3.58 17.78
N GLU C 322 54.18 -4.06 18.28
CA GLU C 322 54.68 -5.40 17.95
C GLU C 322 54.28 -6.45 18.98
N GLY C 323 53.68 -7.55 18.54
CA GLY C 323 53.38 -8.67 19.42
C GLY C 323 51.99 -8.65 20.02
N LEU C 324 51.31 -9.80 19.93
CA LEU C 324 49.98 -10.02 20.53
C LEU C 324 49.92 -9.62 21.97
N GLU C 325 51.02 -9.93 22.67
CA GLU C 325 51.23 -9.56 24.08
C GLU C 325 50.77 -8.14 24.32
N ASN C 326 51.02 -7.29 23.33
CA ASN C 326 50.79 -5.88 23.48
C ASN C 326 49.46 -5.42 22.98
N ALA C 327 48.69 -6.33 22.43
CA ALA C 327 47.44 -5.94 21.77
C ALA C 327 46.44 -5.36 22.77
N PRO C 328 46.26 -6.03 23.91
CA PRO C 328 45.40 -5.41 24.97
C PRO C 328 45.76 -3.97 25.31
N ALA C 329 47.05 -3.66 25.42
CA ALA C 329 47.48 -2.30 25.74
C ALA C 329 47.19 -1.33 24.60
N ALA C 330 47.36 -1.80 23.39
CA ALA C 330 47.10 -1.01 22.20
C ALA C 330 45.65 -0.62 22.07
N LEU C 331 44.77 -1.60 22.23
CA LEU C 331 43.36 -1.39 22.21
C LEU C 331 42.87 -0.37 23.24
N ILE C 332 43.34 -0.51 24.49
CA ILE C 332 43.00 0.44 25.52
C ILE C 332 43.61 1.80 25.16
N GLY C 333 44.81 1.80 24.58
CA GLY C 333 45.43 3.03 24.10
C GLY C 333 44.53 3.79 23.15
N LEU C 334 44.01 3.09 22.14
CA LEU C 334 43.09 3.71 21.21
C LEU C 334 41.81 4.21 21.88
N PHE C 335 41.22 3.40 22.75
CA PHE C 335 40.02 3.80 23.52
C PHE C 335 40.19 5.13 24.26
N GLU C 336 41.39 5.39 24.76
CA GLU C 336 41.70 6.63 25.50
C GLU C 336 42.31 7.67 24.54
N GLY C 337 42.34 7.33 23.26
CA GLY C 337 43.00 8.14 22.23
C GLY C 337 44.46 8.48 22.43
N ARG C 338 45.21 7.61 23.07
CA ARG C 338 46.62 7.87 23.27
C ARG C 338 47.43 7.68 21.99
N ASN C 339 46.80 7.14 20.94
CA ASN C 339 47.50 6.82 19.67
C ASN C 339 47.57 7.99 18.65
N VAL C 340 48.50 7.87 17.71
CA VAL C 340 48.69 8.85 16.68
C VAL C 340 48.84 8.04 15.42
N GLY C 341 47.95 8.21 14.46
CA GLY C 341 47.97 7.29 13.37
C GLY C 341 47.15 6.03 13.70
N LYS C 342 46.64 5.39 12.62
CA LYS C 342 45.82 4.22 12.75
C LYS C 342 46.64 3.14 13.49
N GLN C 343 45.96 2.42 14.36
CA GLN C 343 46.60 1.58 15.33
C GLN C 343 46.55 0.10 14.86
N VAL C 344 47.70 -0.55 14.87
CA VAL C 344 47.92 -1.88 14.24
C VAL C 344 48.76 -2.72 15.17
N VAL C 345 48.39 -3.99 15.28
CA VAL C 345 49.21 -4.95 16.03
C VAL C 345 49.88 -5.90 15.04
N VAL C 346 51.19 -6.07 15.14
CA VAL C 346 51.89 -7.01 14.33
C VAL C 346 51.93 -8.26 15.15
N VAL C 347 51.26 -9.27 14.67
CA VAL C 347 51.28 -10.56 15.27
C VAL C 347 52.51 -11.28 14.69
N SER C 348 52.85 -11.03 13.41
CA SER C 348 53.94 -11.77 12.75
C SER C 348 54.44 -11.13 11.43
N ARG C 349 55.76 -11.16 11.23
CA ARG C 349 56.45 -10.84 9.92
C ARG C 349 55.52 -10.51 8.72
N VAL D 7 -14.08 54.50 -7.46
CA VAL D 7 -14.78 53.28 -6.92
C VAL D 7 -14.02 52.71 -5.70
N VAL D 8 -14.24 53.35 -4.55
CA VAL D 8 -13.51 53.09 -3.32
C VAL D 8 -14.39 52.31 -2.35
N VAL D 9 -13.79 51.37 -1.64
CA VAL D 9 -14.50 50.40 -0.83
C VAL D 9 -13.74 50.22 0.49
N VAL D 10 -14.49 49.90 1.55
CA VAL D 10 -13.90 49.62 2.88
C VAL D 10 -13.08 48.35 2.80
N ASN D 11 -11.90 48.37 3.39
CA ASN D 11 -11.05 47.19 3.47
C ASN D 11 -10.54 47.01 4.88
N LYS D 12 -11.35 46.34 5.69
CA LYS D 12 -10.95 45.98 7.03
C LYS D 12 -9.71 45.10 7.01
N GLN D 13 -8.85 45.22 8.01
CA GLN D 13 -7.64 44.44 8.10
C GLN D 13 -7.36 43.95 9.53
N VAL D 14 -6.66 42.83 9.65
CA VAL D 14 -6.19 42.32 10.93
C VAL D 14 -4.68 42.49 10.93
N LEU D 15 -4.18 43.39 11.79
CA LEU D 15 -2.75 43.69 11.84
C LEU D 15 -2.07 42.94 12.98
N LEU D 16 -0.78 42.68 12.80
CA LEU D 16 0.07 42.30 13.90
C LEU D 16 0.42 43.59 14.66
N LYS D 17 0.00 43.64 15.93
CA LYS D 17 0.26 44.79 16.81
C LYS D 17 1.75 44.89 17.13
N HIS D 18 2.40 43.76 17.38
CA HIS D 18 3.84 43.77 17.68
C HIS D 18 4.40 42.37 17.66
N PHE D 19 5.72 42.28 17.54
CA PHE D 19 6.43 41.00 17.70
C PHE D 19 6.23 40.46 19.11
N ILE D 20 6.33 39.15 19.29
CA ILE D 20 6.30 38.58 20.63
C ILE D 20 7.37 37.52 20.84
N PRO D 21 7.93 37.46 22.04
CA PRO D 21 8.98 36.48 22.36
C PRO D 21 8.47 35.41 23.32
N PRO D 25 1.48 33.76 23.10
CA PRO D 25 0.81 34.03 21.79
C PRO D 25 -0.72 34.26 21.94
N LYS D 26 -1.22 35.48 21.70
CA LYS D 26 -2.55 35.88 22.17
C LYS D 26 -3.40 36.72 21.19
N GLU D 27 -4.73 36.56 21.31
CA GLU D 27 -5.74 37.27 20.51
C GLU D 27 -5.47 38.79 20.41
N THR D 28 -5.06 39.39 21.52
CA THR D 28 -4.78 40.83 21.60
C THR D 28 -3.40 41.27 21.04
N ASP D 29 -2.59 40.33 20.54
CA ASP D 29 -1.34 40.67 19.83
C ASP D 29 -1.67 41.13 18.42
N MET D 30 -2.91 40.91 17.98
CA MET D 30 -3.41 41.40 16.69
C MET D 30 -4.57 42.35 16.90
N GLU D 31 -4.82 43.20 15.91
CA GLU D 31 -6.01 44.02 15.93
C GLU D 31 -6.66 44.20 14.58
N LEU D 32 -7.99 44.14 14.62
CA LEU D 32 -8.85 44.43 13.49
C LEU D 32 -9.00 45.95 13.41
N VAL D 33 -8.75 46.53 12.24
CA VAL D 33 -9.01 47.96 11.97
C VAL D 33 -10.02 48.11 10.84
N THR D 34 -10.84 49.16 10.97
CA THR D 34 -11.97 49.44 10.09
C THR D 34 -11.79 50.70 9.24
N THR D 35 -10.64 51.36 9.38
CA THR D 35 -10.37 52.69 8.79
C THR D 35 -9.78 52.71 7.37
N GLY D 36 -9.32 51.56 6.88
CA GLY D 36 -8.73 51.44 5.54
C GLY D 36 -9.74 51.35 4.41
N THR D 37 -9.29 51.74 3.22
CA THR D 37 -10.12 51.74 2.03
C THR D 37 -9.22 51.38 0.86
N ILE D 38 -9.80 50.83 -0.19
CA ILE D 38 -9.05 50.58 -1.41
C ILE D 38 -9.96 50.78 -2.62
N ARG D 39 -9.34 51.17 -3.73
CA ARG D 39 -10.05 51.38 -4.95
C ARG D 39 -10.17 49.97 -5.53
N LEU D 40 -11.19 49.74 -6.34
CA LEU D 40 -11.40 48.40 -6.92
C LEU D 40 -10.72 48.25 -8.26
N ARG D 41 -9.69 49.05 -8.52
CA ARG D 41 -8.91 48.93 -9.75
C ARG D 41 -7.46 48.90 -9.38
N VAL D 42 -6.81 47.84 -9.85
CA VAL D 42 -5.35 47.74 -9.96
C VAL D 42 -4.77 49.08 -10.47
N PRO D 43 -3.72 49.62 -9.82
CA PRO D 43 -3.27 50.98 -10.19
C PRO D 43 -2.71 51.10 -11.62
N GLU D 44 -3.08 52.15 -12.37
CA GLU D 44 -2.63 52.28 -13.76
C GLU D 44 -1.15 51.87 -13.93
N GLY D 45 -0.89 50.87 -14.78
CA GLY D 45 0.49 50.42 -15.08
C GLY D 45 1.17 49.73 -13.92
N SER D 46 0.54 48.69 -13.37
CA SER D 46 0.95 48.10 -12.09
C SER D 46 1.52 46.68 -12.12
N ASN D 47 1.13 45.89 -13.13
CA ASN D 47 1.49 44.48 -13.21
C ASN D 47 1.18 43.72 -11.92
N ALA D 48 -0.12 43.72 -11.61
CA ALA D 48 -0.65 43.22 -10.36
C ALA D 48 -1.94 42.44 -10.58
N VAL D 49 -2.52 41.94 -9.47
CA VAL D 49 -3.89 41.44 -9.48
C VAL D 49 -4.63 41.85 -8.21
N LEU D 50 -5.80 42.46 -8.35
CA LEU D 50 -6.53 42.82 -7.15
C LEU D 50 -7.47 41.67 -6.84
N LEU D 51 -7.39 41.12 -5.62
CA LEU D 51 -8.26 40.01 -5.22
C LEU D 51 -9.29 40.44 -4.19
N LYS D 52 -10.49 39.90 -4.31
CA LYS D 52 -11.41 39.89 -3.21
C LYS D 52 -11.21 38.58 -2.50
N ASN D 53 -10.81 38.68 -1.23
CA ASN D 53 -10.45 37.52 -0.42
C ASN D 53 -11.69 36.85 0.16
N LEU D 54 -11.75 35.52 0.00
CA LEU D 54 -12.90 34.72 0.38
C LEU D 54 -12.64 33.91 1.63
N TYR D 55 -11.54 33.15 1.60
CA TYR D 55 -11.16 32.24 2.71
C TYR D 55 -9.72 32.37 3.10
N LEU D 56 -9.46 32.22 4.41
CA LEU D 56 -8.12 32.23 4.97
C LEU D 56 -7.89 30.97 5.79
N SER D 57 -6.68 30.45 5.68
CA SER D 57 -6.24 29.27 6.43
C SER D 57 -5.50 29.73 7.67
N CYS D 58 -5.74 29.08 8.81
CA CYS D 58 -4.84 29.22 9.93
C CYS D 58 -3.92 27.98 9.92
N ASP D 59 -2.63 28.23 9.83
CA ASP D 59 -1.61 27.17 9.74
C ASP D 59 -0.60 27.26 10.89
N PRO D 60 -0.11 26.13 11.39
CA PRO D 60 0.86 26.20 12.50
C PRO D 60 2.11 27.06 12.25
N TYR D 61 2.68 26.98 11.06
CA TYR D 61 3.91 27.74 10.73
C TYR D 61 3.80 29.25 11.06
N MET D 62 2.59 29.78 10.99
CA MET D 62 2.35 31.20 11.25
C MET D 62 2.80 31.67 12.68
N ARG D 63 2.68 30.79 13.69
CA ARG D 63 3.21 31.10 15.01
C ARG D 63 4.63 31.67 14.87
N MET D 64 5.49 30.99 14.10
CA MET D 64 6.89 31.38 13.88
C MET D 64 7.09 32.82 13.38
N ARG D 65 6.20 33.30 12.52
CA ARG D 65 6.36 34.62 11.89
C ARG D 65 6.12 35.82 12.83
N MET D 66 5.54 35.56 14.00
CA MET D 66 5.24 36.62 14.98
C MET D 66 6.40 36.97 15.92
N THR D 67 7.53 36.27 15.77
CA THR D 67 8.75 36.49 16.56
C THR D 67 9.78 37.15 15.63
N LYS D 68 10.59 38.08 16.15
CA LYS D 68 11.70 38.66 15.36
C LYS D 68 12.86 37.64 15.19
N HIS D 69 13.56 37.71 14.07
CA HIS D 69 14.68 36.77 13.78
C HIS D 69 15.90 37.45 13.10
N GLU D 70 17.05 36.79 13.22
CA GLU D 70 18.09 36.88 12.20
C GLU D 70 18.20 35.51 11.46
N GLU D 71 17.37 35.32 10.41
CA GLU D 71 17.44 34.14 9.51
C GLU D 71 17.45 34.58 8.05
N ASP D 76 10.31 34.17 6.44
CA ASP D 76 10.40 35.64 6.37
C ASP D 76 9.32 36.34 7.27
N ASP D 77 9.76 37.08 8.31
CA ASP D 77 8.88 37.56 9.41
C ASP D 77 7.67 38.44 9.07
N PHE D 78 6.57 38.29 9.80
CA PHE D 78 5.48 39.28 9.73
C PHE D 78 6.01 40.68 10.04
N VAL D 79 5.29 41.70 9.57
CA VAL D 79 5.61 43.11 9.84
C VAL D 79 4.53 43.84 10.70
N PRO D 80 4.89 44.22 11.93
CA PRO D 80 4.05 44.98 12.84
C PRO D 80 3.63 46.32 12.30
N GLY D 81 2.37 46.68 12.53
CA GLY D 81 1.71 47.84 11.90
C GLY D 81 1.04 47.47 10.61
N ALA D 82 1.25 46.23 10.16
CA ALA D 82 0.81 45.77 8.85
C ALA D 82 0.00 44.48 8.95
N PRO D 83 -0.79 44.17 7.88
CA PRO D 83 -1.59 42.94 7.81
C PRO D 83 -0.78 41.68 7.92
N ILE D 84 -1.22 40.84 8.84
CA ILE D 84 -0.87 39.45 8.91
C ILE D 84 -1.06 38.90 7.50
N THR D 85 -0.15 38.00 7.08
CA THR D 85 -0.27 37.33 5.77
C THR D 85 -0.32 35.84 5.91
N GLY D 86 -0.93 35.19 4.94
CA GLY D 86 -1.08 33.76 4.97
C GLY D 86 -1.85 33.20 3.78
N PHE D 87 -1.95 31.88 3.73
CA PHE D 87 -2.65 31.25 2.65
C PHE D 87 -4.17 31.47 2.74
N GLY D 88 -4.77 31.58 1.55
CA GLY D 88 -6.16 31.76 1.38
C GLY D 88 -6.58 31.68 -0.07
N VAL D 89 -7.84 32.02 -0.31
CA VAL D 89 -8.50 31.92 -1.61
C VAL D 89 -9.14 33.25 -1.94
N GLY D 90 -9.07 33.63 -3.21
CA GLY D 90 -9.60 34.90 -3.65
C GLY D 90 -10.18 34.85 -5.04
N LYS D 91 -10.97 35.85 -5.36
CA LYS D 91 -11.54 36.02 -6.70
C LYS D 91 -10.83 37.18 -7.36
N VAL D 92 -10.58 37.07 -8.66
CA VAL D 92 -9.94 38.16 -9.37
C VAL D 92 -10.95 39.22 -9.73
N VAL D 93 -10.71 40.43 -9.23
CA VAL D 93 -11.53 41.59 -9.50
C VAL D 93 -11.03 42.34 -10.75
N ASP D 94 -9.71 42.50 -10.81
CA ASP D 94 -9.08 43.27 -11.84
C ASP D 94 -7.66 42.75 -11.94
N SER D 95 -7.17 42.62 -13.17
CA SER D 95 -5.85 42.01 -13.41
C SER D 95 -5.16 42.75 -14.54
N SER D 96 -3.92 43.18 -14.32
CA SER D 96 -3.11 43.78 -15.35
C SER D 96 -1.94 42.86 -15.67
N HIS D 97 -2.22 41.56 -15.58
CA HIS D 97 -1.18 40.56 -15.73
C HIS D 97 -1.66 39.36 -16.56
N PRO D 98 -0.90 38.99 -17.58
CA PRO D 98 -1.40 38.06 -18.60
C PRO D 98 -1.97 36.72 -18.10
N ASP D 99 -1.41 36.12 -17.05
CA ASP D 99 -1.85 34.79 -16.68
C ASP D 99 -3.18 34.76 -15.84
N PHE D 100 -3.69 35.92 -15.45
CA PHE D 100 -4.91 36.00 -14.64
C PHE D 100 -5.93 36.93 -15.29
N LYS D 101 -7.22 36.58 -15.15
CA LYS D 101 -8.34 37.43 -15.65
C LYS D 101 -9.49 37.59 -14.60
N THR D 102 -10.30 38.63 -14.75
CA THR D 102 -11.42 38.85 -13.86
C THR D 102 -12.27 37.58 -13.73
N GLY D 103 -12.84 37.38 -12.55
CA GLY D 103 -13.58 36.15 -12.26
C GLY D 103 -12.73 34.94 -11.92
N ASP D 104 -11.46 34.88 -12.33
CA ASP D 104 -10.64 33.71 -11.95
C ASP D 104 -10.67 33.51 -10.42
N TYR D 105 -10.59 32.26 -10.00
CA TYR D 105 -10.38 31.98 -8.58
C TYR D 105 -8.98 31.45 -8.39
N VAL D 106 -8.35 31.90 -7.30
CA VAL D 106 -6.95 31.58 -7.02
C VAL D 106 -6.70 31.38 -5.55
N TRP D 107 -5.61 30.70 -5.25
CA TRP D 107 -5.12 30.56 -3.91
C TRP D 107 -3.63 30.86 -3.87
N GLY D 108 -3.15 31.22 -2.68
CA GLY D 108 -1.78 31.66 -2.49
C GLY D 108 -1.64 32.50 -1.23
N LEU D 109 -0.49 33.16 -1.12
CA LEU D 109 -0.18 33.97 0.04
C LEU D 109 -0.87 35.32 -0.12
N ILE D 110 -1.81 35.64 0.77
CA ILE D 110 -2.55 36.88 0.67
C ILE D 110 -2.60 37.58 2.02
N GLY D 111 -3.11 38.81 2.06
CA GLY D 111 -3.27 39.55 3.32
C GLY D 111 -4.54 39.18 4.09
N TRP D 112 -4.48 39.38 5.40
CA TRP D 112 -5.60 39.14 6.29
C TRP D 112 -6.44 40.37 6.26
N GLU D 113 -7.29 40.44 5.26
CA GLU D 113 -7.97 41.64 4.92
C GLU D 113 -9.03 41.29 3.93
N GLU D 114 -9.81 42.28 3.52
CA GLU D 114 -10.95 42.07 2.64
C GLU D 114 -10.54 42.07 1.19
N TYR D 115 -9.48 42.81 0.91
CA TYR D 115 -8.93 42.92 -0.43
C TYR D 115 -7.41 42.99 -0.37
N SER D 116 -6.78 42.18 -1.24
CA SER D 116 -5.36 42.23 -1.38
C SER D 116 -5.00 42.47 -2.85
N LEU D 117 -4.12 43.45 -3.05
CA LEU D 117 -3.53 43.78 -4.35
C LEU D 117 -2.20 43.06 -4.39
N ILE D 118 -2.06 42.08 -5.27
CA ILE D 118 -0.83 41.30 -5.34
C ILE D 118 0.12 41.91 -6.33
N THR D 119 1.25 42.39 -5.80
CA THR D 119 2.37 42.95 -6.54
C THR D 119 3.17 41.91 -7.39
N LYS D 120 3.35 40.69 -6.86
CA LYS D 120 4.04 39.59 -7.57
C LYS D 120 3.04 38.45 -7.74
N PRO D 121 2.30 38.45 -8.87
CA PRO D 121 1.30 37.41 -9.12
C PRO D 121 1.88 36.06 -9.52
N GLN D 122 3.18 36.01 -9.81
CA GLN D 122 3.85 34.74 -10.13
C GLN D 122 3.62 33.75 -8.96
N GLY D 123 3.31 34.32 -7.77
CA GLY D 123 3.12 33.57 -6.54
C GLY D 123 1.75 32.98 -6.26
N LEU D 124 0.78 33.21 -7.17
CA LEU D 124 -0.59 32.62 -7.07
C LEU D 124 -0.79 31.32 -7.88
N PHE D 125 -1.73 30.48 -7.44
CA PHE D 125 -2.11 29.25 -8.15
C PHE D 125 -3.56 29.37 -8.66
N LYS D 126 -3.74 29.45 -9.97
CA LYS D 126 -5.08 29.57 -10.57
C LYS D 126 -5.86 28.29 -10.31
N ILE D 127 -7.09 28.44 -9.80
CA ILE D 127 -7.87 27.28 -9.42
C ILE D 127 -8.52 26.67 -10.67
N HIS D 128 -8.32 25.36 -10.82
CA HIS D 128 -8.83 24.64 -11.99
C HIS D 128 -10.20 24.00 -11.76
N HIS D 129 -10.49 23.59 -10.53
CA HIS D 129 -11.70 22.78 -10.26
C HIS D 129 -12.68 23.47 -9.35
N THR D 130 -13.44 24.40 -9.92
CA THR D 130 -14.46 25.14 -9.16
C THR D 130 -15.66 24.29 -8.76
N GLU D 131 -15.86 23.13 -9.39
CA GLU D 131 -16.85 22.16 -8.87
C GLU D 131 -16.52 21.73 -7.46
N ILE D 132 -15.23 21.49 -7.18
CA ILE D 132 -14.75 21.14 -5.83
C ILE D 132 -14.93 22.40 -4.99
N PRO D 133 -15.46 22.30 -3.76
CA PRO D 133 -15.71 23.55 -3.02
C PRO D 133 -14.44 24.42 -2.80
N LEU D 134 -14.55 25.69 -3.16
CA LEU D 134 -13.44 26.64 -3.09
C LEU D 134 -12.59 26.54 -1.82
N SER D 135 -13.21 26.30 -0.66
CA SER D 135 -12.47 26.42 0.62
C SER D 135 -11.44 25.29 0.80
N TYR D 136 -11.64 24.18 0.08
CA TYR D 136 -10.68 23.07 0.06
C TYR D 136 -9.28 23.49 -0.37
N TYR D 137 -9.18 24.55 -1.16
CA TYR D 137 -7.90 25.09 -1.60
C TYR D 137 -7.17 25.88 -0.53
N THR D 138 -7.75 26.01 0.68
CA THR D 138 -7.02 26.50 1.86
C THR D 138 -6.37 25.35 2.65
N GLY D 139 -6.77 24.10 2.39
CA GLY D 139 -6.20 22.94 3.08
C GLY D 139 -5.80 21.82 2.12
N ILE D 140 -6.70 20.84 1.97
CA ILE D 140 -6.41 19.61 1.26
C ILE D 140 -5.99 19.80 -0.20
N LEU D 141 -6.48 20.84 -0.86
CA LEU D 141 -6.02 21.10 -2.21
C LEU D 141 -5.11 22.33 -2.20
N GLY D 142 -4.66 22.70 -1.01
CA GLY D 142 -3.71 23.78 -0.82
C GLY D 142 -2.37 23.33 -0.25
N MET D 143 -1.72 24.25 0.45
CA MET D 143 -0.39 24.09 1.07
C MET D 143 -0.32 22.89 2.00
N VAL D 144 -1.38 22.73 2.78
CA VAL D 144 -1.51 21.62 3.76
C VAL D 144 -1.43 20.28 3.06
N GLY D 145 -2.31 20.14 2.05
CA GLY D 145 -2.41 18.91 1.27
C GLY D 145 -1.12 18.68 0.56
N LEU D 146 -0.56 19.75 -0.02
CA LEU D 146 0.71 19.61 -0.76
C LEU D 146 1.88 19.20 0.20
N THR D 147 1.91 19.76 1.41
CA THR D 147 2.85 19.32 2.47
C THR D 147 2.78 17.82 2.73
N ALA D 148 1.58 17.28 2.86
CA ALA D 148 1.39 15.85 3.15
C ALA D 148 1.89 14.99 2.00
N TYR D 149 1.59 15.46 0.79
CA TYR D 149 1.89 14.74 -0.45
C TYR D 149 3.39 14.61 -0.63
N VAL D 150 4.12 15.72 -0.59
CA VAL D 150 5.56 15.65 -0.80
C VAL D 150 6.22 14.94 0.39
N GLY D 151 5.75 15.18 1.61
CA GLY D 151 6.35 14.56 2.79
C GLY D 151 6.22 13.05 2.79
N PHE D 152 5.05 12.57 2.39
CA PHE D 152 4.84 11.14 2.40
C PHE D 152 5.40 10.48 1.17
N TYR D 153 4.98 10.93 -0.02
CA TYR D 153 5.34 10.20 -1.24
C TYR D 153 6.82 10.35 -1.60
N ASP D 154 7.39 11.52 -1.33
CA ASP D 154 8.80 11.75 -1.64
C ASP D 154 9.75 11.43 -0.49
N ILE D 155 9.56 12.10 0.65
CA ILE D 155 10.57 12.13 1.71
C ILE D 155 10.59 10.80 2.47
N CYS D 156 9.43 10.16 2.65
CA CYS D 156 9.36 8.88 3.35
C CYS D 156 9.73 7.66 2.49
N SER D 157 9.78 7.81 1.16
CA SER D 157 10.11 6.68 0.24
C SER D 157 9.33 5.42 0.58
N PRO D 158 8.02 5.56 0.77
CA PRO D 158 7.27 4.39 1.23
C PRO D 158 7.14 3.28 0.21
N LYS D 159 6.91 2.08 0.75
CA LYS D 159 6.58 0.88 0.03
C LYS D 159 5.33 0.24 0.66
N LYS D 160 4.54 -0.44 -0.17
CA LYS D 160 3.32 -1.14 0.24
C LYS D 160 3.65 -2.06 1.42
N GLY D 161 2.76 -2.13 2.38
CA GLY D 161 2.91 -3.04 3.51
C GLY D 161 3.75 -2.50 4.65
N GLU D 162 4.30 -1.30 4.50
CA GLU D 162 5.16 -0.75 5.54
C GLU D 162 4.32 -0.17 6.67
N ARG D 163 5.01 0.09 7.77
CA ARG D 163 4.37 0.41 9.03
C ARG D 163 4.63 1.87 9.38
N VAL D 164 3.55 2.65 9.39
CA VAL D 164 3.63 4.10 9.43
C VAL D 164 3.05 4.65 10.72
N PHE D 165 3.81 5.58 11.32
CA PHE D 165 3.32 6.33 12.49
C PHE D 165 3.27 7.81 12.18
N VAL D 166 2.12 8.41 12.53
CA VAL D 166 1.90 9.84 12.31
C VAL D 166 1.66 10.54 13.63
N SER D 167 2.57 11.42 14.06
CA SER D 167 2.32 12.30 15.25
C SER D 167 1.44 13.47 14.82
N ALA D 168 0.80 14.12 15.79
CA ALA D 168 -0.28 15.14 15.57
C ALA D 168 -1.19 14.70 14.44
N ALA D 169 -1.54 13.42 14.45
CA ALA D 169 -2.29 12.82 13.35
C ALA D 169 -3.65 13.47 13.16
N ALA D 170 -4.18 14.07 14.23
CA ALA D 170 -5.48 14.76 14.17
C ALA D 170 -5.41 16.10 13.43
N GLY D 171 -4.21 16.66 13.32
CA GLY D 171 -3.99 17.95 12.65
C GLY D 171 -4.28 17.83 11.16
N ALA D 172 -4.33 18.96 10.48
CA ALA D 172 -4.69 18.92 9.08
C ALA D 172 -3.71 18.04 8.28
N VAL D 173 -2.41 18.24 8.45
CA VAL D 173 -1.45 17.50 7.63
C VAL D 173 -1.48 15.99 7.89
N GLY D 174 -1.38 15.65 9.17
CA GLY D 174 -1.41 14.28 9.63
C GLY D 174 -2.55 13.46 9.09
N GLN D 175 -3.77 13.98 9.22
CA GLN D 175 -4.96 13.33 8.70
C GLN D 175 -4.81 12.97 7.24
N ILE D 176 -4.17 13.84 6.49
CA ILE D 176 -4.01 13.62 5.09
C ILE D 176 -2.91 12.60 4.84
N VAL D 177 -1.79 12.74 5.54
CA VAL D 177 -0.70 11.77 5.41
C VAL D 177 -1.20 10.34 5.63
N GLY D 178 -1.96 10.15 6.71
CA GLY D 178 -2.47 8.84 7.06
C GLY D 178 -3.33 8.23 5.95
N GLN D 179 -4.17 9.04 5.33
CA GLN D 179 -5.04 8.55 4.29
C GLN D 179 -4.29 8.24 3.04
N PHE D 180 -3.28 9.06 2.71
CA PHE D 180 -2.37 8.72 1.60
C PHE D 180 -1.71 7.36 1.90
N ALA D 181 -1.31 7.16 3.14
CA ALA D 181 -0.61 5.94 3.54
C ALA D 181 -1.52 4.70 3.54
N LYS D 182 -2.73 4.85 4.05
CA LYS D 182 -3.67 3.75 3.98
C LYS D 182 -3.96 3.39 2.53
N GLN D 183 -4.23 4.39 1.69
CA GLN D 183 -4.41 4.19 0.25
C GLN D 183 -3.22 3.54 -0.45
N PHE D 184 -2.03 3.75 0.07
CA PHE D 184 -0.84 3.15 -0.50
C PHE D 184 -0.63 1.70 -0.05
N GLY D 185 -1.45 1.20 0.89
CA GLY D 185 -1.32 -0.17 1.42
C GLY D 185 -0.44 -0.30 2.66
N CYS D 186 -0.25 0.79 3.40
CA CYS D 186 0.57 0.72 4.61
C CYS D 186 -0.31 0.47 5.82
N TYR D 187 0.31 -0.07 6.87
CA TYR D 187 -0.31 -0.16 8.16
C TYR D 187 -0.03 1.20 8.83
N VAL D 188 -1.05 1.81 9.43
CA VAL D 188 -0.99 3.20 9.83
C VAL D 188 -1.55 3.40 11.22
N VAL D 189 -0.76 4.06 12.08
CA VAL D 189 -1.12 4.36 13.45
C VAL D 189 -0.85 5.85 13.70
N GLY D 190 -1.68 6.49 14.53
CA GLY D 190 -1.60 7.90 14.75
C GLY D 190 -1.74 8.32 16.19
N SER D 191 -1.33 9.56 16.46
CA SER D 191 -1.23 10.11 17.79
C SER D 191 -2.02 11.42 17.84
N ALA D 192 -2.80 11.60 18.90
CA ALA D 192 -3.51 12.85 19.11
C ALA D 192 -3.68 13.15 20.62
N GLY D 193 -4.16 14.35 20.93
CA GLY D 193 -4.25 14.84 22.32
C GLY D 193 -5.60 14.77 23.01
N SER D 194 -6.58 14.09 22.40
CA SER D 194 -7.93 13.98 22.99
C SER D 194 -8.68 12.78 22.44
N ASP D 195 -9.55 12.19 23.27
CA ASP D 195 -10.28 10.99 22.87
C ASP D 195 -11.18 11.24 21.67
N GLU D 196 -11.79 12.42 21.64
CA GLU D 196 -12.64 12.80 20.51
C GLU D 196 -11.85 12.64 19.20
N LYS D 197 -10.62 13.13 19.18
CA LYS D 197 -9.75 13.06 17.97
C LYS D 197 -9.17 11.66 17.65
N VAL D 198 -8.72 10.95 18.69
CA VAL D 198 -8.22 9.60 18.54
C VAL D 198 -9.25 8.75 17.80
N ASN D 199 -10.52 9.00 18.11
CA ASN D 199 -11.62 8.30 17.45
C ASN D 199 -11.72 8.70 15.99
N LEU D 200 -11.80 10.01 15.75
CA LEU D 200 -11.83 10.55 14.37
C LEU D 200 -10.81 9.90 13.48
N LEU D 201 -9.63 9.57 14.01
CA LEU D 201 -8.61 8.89 13.21
C LEU D 201 -9.05 7.49 12.80
N LYS D 202 -9.69 6.78 13.74
CA LYS D 202 -10.23 5.44 13.53
C LYS D 202 -11.53 5.48 12.74
N THR D 203 -12.36 6.49 13.00
CA THR D 203 -13.68 6.57 12.39
C THR D 203 -13.82 7.09 10.96
N LYS D 204 -13.42 8.34 10.75
CA LYS D 204 -13.63 9.01 9.47
C LYS D 204 -12.36 9.00 8.64
N PHE D 205 -11.21 9.02 9.30
CA PHE D 205 -9.91 9.13 8.55
C PHE D 205 -9.15 7.85 8.21
N GLY D 206 -9.62 6.70 8.70
CA GLY D 206 -9.19 5.40 8.22
C GLY D 206 -7.96 4.74 8.83
N PHE D 207 -7.49 5.27 9.95
CA PHE D 207 -6.26 4.77 10.60
C PHE D 207 -6.53 3.39 11.19
N ASP D 208 -5.57 2.47 11.09
CA ASP D 208 -5.70 1.16 11.75
C ASP D 208 -5.71 1.31 13.26
N GLU D 209 -4.99 2.29 13.79
CA GLU D 209 -4.87 2.46 15.24
C GLU D 209 -4.64 3.91 15.62
N ALA D 210 -4.92 4.21 16.88
CA ALA D 210 -4.63 5.53 17.44
C ALA D 210 -4.75 5.49 18.95
N PHE D 211 -3.90 6.26 19.60
CA PHE D 211 -3.93 6.42 21.04
C PHE D 211 -3.88 7.90 21.35
N ASN D 212 -4.39 8.22 22.54
CA ASN D 212 -4.32 9.54 23.14
C ASN D 212 -2.98 9.54 23.85
N TYR D 213 -2.10 10.48 23.54
CA TYR D 213 -0.78 10.49 24.17
C TYR D 213 -0.91 10.94 25.64
N LYS D 214 -1.86 11.86 25.88
CA LYS D 214 -2.12 12.43 27.21
C LYS D 214 -2.46 11.37 28.24
N LYS D 215 -3.19 10.32 27.85
CA LYS D 215 -3.60 9.26 28.79
C LYS D 215 -2.66 8.05 28.78
N GLU D 216 -1.42 8.28 28.36
CA GLU D 216 -0.42 7.22 28.18
C GLU D 216 0.98 7.61 28.70
N PRO D 217 1.26 7.32 29.98
CA PRO D 217 2.55 7.74 30.55
C PRO D 217 3.83 7.10 29.99
N ASP D 218 3.72 6.00 29.23
CA ASP D 218 4.91 5.44 28.56
C ASP D 218 4.77 5.37 27.04
N LEU D 219 5.20 6.43 26.41
CA LEU D 219 5.23 6.49 24.96
C LEU D 219 5.97 5.30 24.30
N THR D 220 7.20 4.98 24.74
CA THR D 220 7.95 3.84 24.17
C THR D 220 7.14 2.54 24.25
N LYS D 221 6.63 2.24 25.43
CA LYS D 221 5.84 1.02 25.66
C LYS D 221 4.56 1.02 24.84
N ALA D 222 3.94 2.20 24.71
CA ALA D 222 2.76 2.39 23.88
C ALA D 222 3.02 2.05 22.42
N LEU D 223 4.05 2.66 21.85
CA LEU D 223 4.36 2.38 20.45
C LEU D 223 4.66 0.90 20.19
N LYS D 224 5.30 0.26 21.17
CA LYS D 224 5.58 -1.19 21.10
C LYS D 224 4.29 -1.98 20.93
N ARG D 225 3.27 -1.56 21.67
CA ARG D 225 1.96 -2.20 21.69
C ARG D 225 1.36 -2.20 20.29
N TYR D 226 1.41 -1.05 19.61
CA TYR D 226 0.84 -0.93 18.27
C TYR D 226 1.76 -1.40 17.12
N PHE D 227 3.06 -1.55 17.41
CA PHE D 227 4.03 -1.95 16.41
C PHE D 227 4.91 -3.08 16.94
N PRO D 228 4.37 -4.31 17.00
CA PRO D 228 5.16 -5.45 17.51
C PRO D 228 6.49 -5.67 16.76
N GLU D 229 6.42 -5.55 15.45
CA GLU D 229 7.58 -5.73 14.56
C GLU D 229 8.29 -4.39 14.25
N GLY D 230 7.93 -3.33 14.97
CA GLY D 230 8.59 -2.03 14.87
C GLY D 230 8.04 -1.10 13.80
N ILE D 231 8.66 0.09 13.68
CA ILE D 231 8.21 1.17 12.75
C ILE D 231 9.19 1.40 11.57
N ASP D 232 8.65 1.44 10.35
CA ASP D 232 9.46 1.75 9.15
C ASP D 232 9.51 3.25 8.87
N ILE D 233 8.38 3.95 9.10
CA ILE D 233 8.20 5.35 8.73
C ILE D 233 7.54 6.18 9.83
N TYR D 234 8.17 7.32 10.15
CA TYR D 234 7.61 8.28 11.09
C TYR D 234 7.38 9.64 10.41
N PHE D 235 6.12 10.06 10.31
CA PHE D 235 5.84 11.40 9.85
C PHE D 235 5.84 12.27 11.08
N GLU D 236 6.81 13.16 11.16
CA GLU D 236 7.08 13.90 12.41
C GLU D 236 6.50 15.31 12.38
N ASN D 237 5.67 15.60 13.39
CA ASN D 237 5.04 16.91 13.61
C ASN D 237 5.29 17.49 14.98
N VAL D 238 5.98 16.74 15.84
CA VAL D 238 5.99 16.98 17.28
C VAL D 238 7.39 17.09 17.91
N GLY D 239 8.18 16.03 17.79
CA GLY D 239 9.54 15.98 18.35
C GLY D 239 9.61 15.47 19.77
N GLY D 240 10.77 15.66 20.37
CA GLY D 240 10.97 15.46 21.77
C GLY D 240 10.83 14.01 22.19
N PRO D 241 10.19 13.78 23.35
CA PRO D 241 10.02 12.40 23.82
C PRO D 241 9.32 11.51 22.82
N MET D 242 8.38 12.03 22.04
CA MET D 242 7.70 11.20 21.05
C MET D 242 8.72 10.68 20.05
N LEU D 243 9.65 11.55 19.64
CA LEU D 243 10.72 11.16 18.75
C LEU D 243 11.62 10.12 19.39
N GLU D 244 11.90 10.27 20.66
CA GLU D 244 12.71 9.28 21.32
C GLU D 244 12.01 7.94 21.33
N ALA D 245 10.70 7.98 21.56
CA ALA D 245 9.89 6.76 21.60
C ALA D 245 9.87 6.07 20.22
N VAL D 246 9.70 6.84 19.15
CA VAL D 246 9.82 6.31 17.79
C VAL D 246 11.21 5.68 17.53
N LEU D 247 12.29 6.36 17.87
CA LEU D 247 13.62 5.82 17.62
C LEU D 247 13.85 4.46 18.32
N HIS D 248 13.37 4.32 19.54
CA HIS D 248 13.45 3.02 20.22
C HIS D 248 12.68 1.96 19.46
N ASN D 249 11.53 2.32 18.89
CA ASN D 249 10.70 1.37 18.21
C ASN D 249 10.92 1.35 16.70
N MET D 250 11.98 1.95 16.17
CA MET D 250 12.11 2.02 14.69
C MET D 250 12.87 0.82 14.13
N ARG D 251 12.51 0.41 12.93
CA ARG D 251 13.15 -0.71 12.26
C ARG D 251 14.38 -0.26 11.50
N ILE D 252 15.17 -1.25 11.06
CA ILE D 252 16.37 -1.03 10.24
C ILE D 252 15.95 -0.26 8.99
N LYS D 253 16.78 0.71 8.60
CA LYS D 253 16.52 1.54 7.44
C LYS D 253 15.19 2.34 7.51
N GLY D 254 14.69 2.61 8.69
CA GLY D 254 13.47 3.40 8.84
C GLY D 254 13.68 4.86 8.48
N ARG D 255 12.57 5.57 8.31
CA ARG D 255 12.61 6.91 7.73
C ARG D 255 11.73 7.89 8.52
N ILE D 256 12.26 9.07 8.77
CA ILE D 256 11.53 10.09 9.50
C ILE D 256 11.49 11.34 8.67
N ALA D 257 10.28 11.80 8.35
CA ALA D 257 10.10 13.04 7.60
C ALA D 257 9.80 14.08 8.59
N ALA D 258 10.70 15.02 8.77
CA ALA D 258 10.51 16.05 9.84
C ALA D 258 9.79 17.25 9.29
N CYS D 259 8.48 17.27 9.52
CA CYS D 259 7.61 18.31 8.96
C CYS D 259 7.44 19.47 9.97
N GLY D 260 7.41 19.12 11.24
CA GLY D 260 7.37 20.12 12.31
C GLY D 260 7.77 19.53 13.66
N MET D 261 8.16 20.39 14.58
CA MET D 261 8.58 19.93 15.89
C MET D 261 7.99 20.87 16.93
N ILE D 262 6.79 20.53 17.39
CA ILE D 262 6.08 21.25 18.50
C ILE D 262 5.97 22.75 18.20
N GLY D 272 14.68 18.05 24.09
CA GLY D 272 15.90 17.30 24.31
C GLY D 272 15.78 15.81 23.97
N VAL D 273 16.48 15.36 22.91
CA VAL D 273 16.50 13.93 22.50
C VAL D 273 17.83 13.24 22.83
N HIS D 274 17.78 12.10 23.52
CA HIS D 274 18.99 11.45 24.06
C HIS D 274 19.29 10.13 23.35
N ASN D 275 18.56 9.95 22.26
CA ASN D 275 18.33 8.67 21.63
C ASN D 275 19.00 8.52 20.26
N LEU D 276 19.54 9.63 19.76
CA LEU D 276 19.95 9.74 18.37
C LEU D 276 20.98 8.74 17.91
N PHE D 277 21.87 8.29 18.78
CA PHE D 277 22.87 7.31 18.38
C PHE D 277 22.22 6.11 17.70
N LEU D 278 20.99 5.80 18.07
CA LEU D 278 20.27 4.70 17.43
C LEU D 278 20.22 4.86 15.90
N ILE D 279 20.33 6.10 15.44
CA ILE D 279 20.27 6.41 14.02
C ILE D 279 21.40 5.64 13.27
N VAL D 280 22.46 5.32 13.99
CA VAL D 280 23.66 4.71 13.38
C VAL D 280 23.48 3.22 13.18
N GLY D 281 23.21 2.51 14.26
CA GLY D 281 23.00 1.07 14.17
C GLY D 281 21.74 0.70 13.43
N LYS D 282 20.75 1.59 13.36
CA LYS D 282 19.53 1.29 12.61
C LYS D 282 19.54 1.90 11.20
N ARG D 283 20.55 2.68 10.84
CA ARG D 283 20.65 3.24 9.51
C ARG D 283 19.39 4.04 9.12
N ILE D 284 19.02 4.93 10.02
CA ILE D 284 17.83 5.74 9.86
C ILE D 284 18.17 7.05 9.14
N ARG D 285 17.28 7.45 8.25
CA ARG D 285 17.32 8.76 7.60
C ARG D 285 16.32 9.68 8.25
N LEU D 286 16.81 10.80 8.80
CA LEU D 286 15.95 11.79 9.44
C LEU D 286 16.10 13.08 8.66
N GLU D 287 15.10 13.43 7.89
CA GLU D 287 15.20 14.52 6.99
C GLU D 287 14.09 15.52 7.12
N GLY D 288 14.45 16.78 7.29
CA GLY D 288 13.47 17.85 7.31
C GLY D 288 13.18 18.32 5.91
N PHE D 289 11.98 18.89 5.78
CA PHE D 289 11.54 19.50 4.53
C PHE D 289 10.55 20.66 4.79
N LEU D 290 10.42 21.52 3.79
CA LEU D 290 9.55 22.68 3.83
C LEU D 290 8.76 22.65 2.54
N VAL D 291 7.45 22.76 2.65
CA VAL D 291 6.57 22.70 1.47
C VAL D 291 6.90 23.79 0.42
N PHE D 292 7.48 24.92 0.89
CA PHE D 292 7.88 26.06 0.03
C PHE D 292 8.89 25.73 -1.07
N ASP D 293 9.64 24.63 -0.94
CA ASP D 293 10.54 24.19 -1.99
C ASP D 293 9.84 23.38 -3.06
N HIS D 294 8.61 22.99 -2.85
CA HIS D 294 7.99 22.01 -3.73
C HIS D 294 6.77 22.49 -4.54
N TYR D 295 6.71 23.78 -4.82
CA TYR D 295 5.58 24.37 -5.55
C TYR D 295 5.39 23.82 -6.94
N GLY D 296 6.51 23.46 -7.58
CA GLY D 296 6.54 22.76 -8.86
C GLY D 296 5.79 21.44 -8.84
N SER D 297 5.63 20.83 -7.68
CA SER D 297 4.90 19.58 -7.59
C SER D 297 3.38 19.80 -7.52
N TYR D 298 2.95 21.05 -7.52
CA TYR D 298 1.53 21.37 -7.34
C TYR D 298 0.52 20.86 -8.41
N PRO D 299 0.80 21.05 -9.72
CA PRO D 299 -0.16 20.57 -10.77
C PRO D 299 -0.44 19.08 -10.71
N GLU D 300 0.60 18.26 -10.55
CA GLU D 300 0.40 16.80 -10.35
C GLU D 300 -0.50 16.58 -9.13
N PHE D 301 -0.14 17.21 -8.03
CA PHE D 301 -0.84 17.02 -6.76
C PHE D 301 -2.31 17.40 -6.88
N GLU D 302 -2.62 18.50 -7.56
CA GLU D 302 -4.03 18.91 -7.70
C GLU D 302 -4.81 17.82 -8.41
N GLU D 303 -4.25 17.31 -9.50
CA GLU D 303 -4.89 16.27 -10.32
C GLU D 303 -5.18 15.01 -9.52
N LYS D 304 -4.19 14.54 -8.77
CA LYS D 304 -4.38 13.33 -7.94
C LYS D 304 -5.47 13.48 -6.86
N VAL D 305 -5.43 14.61 -6.15
CA VAL D 305 -6.30 14.81 -4.99
C VAL D 305 -7.73 15.18 -5.38
N VAL D 306 -7.87 15.96 -6.46
CA VAL D 306 -9.19 16.26 -6.96
C VAL D 306 -9.83 14.91 -7.32
N GLN D 307 -9.07 14.05 -7.99
CA GLN D 307 -9.59 12.75 -8.37
C GLN D 307 -9.99 11.91 -7.15
N LEU D 308 -9.12 11.83 -6.15
CA LEU D 308 -9.47 11.10 -4.94
C LEU D 308 -10.80 11.64 -4.34
N ILE D 309 -10.94 12.96 -4.33
CA ILE D 309 -12.09 13.59 -3.70
C ILE D 309 -13.34 13.29 -4.51
N LYS D 310 -13.22 13.26 -5.83
CA LYS D 310 -14.38 13.01 -6.68
C LYS D 310 -14.71 11.51 -6.65
N GLU D 311 -13.67 10.68 -6.53
CA GLU D 311 -13.81 9.23 -6.27
C GLU D 311 -14.25 8.90 -4.83
N GLU D 312 -14.42 9.91 -3.96
CA GLU D 312 -14.78 9.69 -2.56
C GLU D 312 -13.78 8.78 -1.79
N LYS D 313 -12.51 8.84 -2.18
CA LYS D 313 -11.47 7.94 -1.59
C LYS D 313 -10.63 8.63 -0.53
N ILE D 314 -10.99 9.86 -0.20
CA ILE D 314 -10.29 10.61 0.82
C ILE D 314 -11.35 11.41 1.58
N LYS D 315 -11.08 11.71 2.85
CA LYS D 315 -12.05 12.37 3.70
C LYS D 315 -11.44 13.62 4.30
N TYR D 316 -12.25 14.59 4.62
CA TYR D 316 -11.71 15.87 5.02
C TYR D 316 -12.76 16.68 5.79
N LEU D 317 -12.40 17.13 6.98
CA LEU D 317 -13.26 17.96 7.78
C LEU D 317 -12.63 19.34 7.88
N GLU D 318 -13.46 20.37 7.79
CA GLU D 318 -13.02 21.74 8.00
C GLU D 318 -13.67 22.30 9.28
N ASP D 319 -12.93 23.16 9.96
CA ASP D 319 -13.44 23.95 11.06
C ASP D 319 -13.64 25.35 10.46
N ILE D 320 -14.90 25.78 10.31
CA ILE D 320 -15.24 27.02 9.59
C ILE D 320 -15.69 28.11 10.52
N VAL D 321 -14.89 29.18 10.59
CA VAL D 321 -15.20 30.37 11.37
C VAL D 321 -15.60 31.48 10.42
N GLU D 322 -16.72 32.16 10.69
CA GLU D 322 -17.26 33.22 9.79
C GLU D 322 -16.83 34.62 10.23
N GLY D 323 -16.25 35.37 9.31
CA GLY D 323 -15.86 36.76 9.57
C GLY D 323 -14.42 36.99 10.02
N LEU D 324 -13.77 37.94 9.36
CA LEU D 324 -12.44 38.39 9.76
C LEU D 324 -12.29 38.72 11.23
N GLU D 325 -13.31 39.32 11.85
CA GLU D 325 -13.20 39.69 13.27
C GLU D 325 -12.87 38.48 14.17
N ASN D 326 -13.21 37.28 13.69
CA ASN D 326 -12.97 36.06 14.44
C ASN D 326 -11.65 35.42 14.12
N ALA D 327 -10.90 36.01 13.18
CA ALA D 327 -9.66 35.39 12.72
C ALA D 327 -8.61 35.29 13.83
N PRO D 328 -8.37 36.37 14.61
CA PRO D 328 -7.48 36.30 15.76
C PRO D 328 -7.81 35.15 16.69
N ALA D 329 -9.10 34.95 16.98
CA ALA D 329 -9.51 33.86 17.89
C ALA D 329 -9.28 32.49 17.26
N ALA D 330 -9.52 32.40 15.95
CA ALA D 330 -9.30 31.16 15.23
C ALA D 330 -7.82 30.77 15.22
N LEU D 331 -6.97 31.74 14.94
CA LEU D 331 -5.55 31.50 14.93
C LEU D 331 -5.02 30.98 16.29
N ILE D 332 -5.43 31.65 17.37
CA ILE D 332 -5.01 31.23 18.71
C ILE D 332 -5.59 29.84 19.01
N GLY D 333 -6.80 29.60 18.54
CA GLY D 333 -7.43 28.29 18.67
C GLY D 333 -6.55 27.21 18.05
N LEU D 334 -6.11 27.43 16.83
CA LEU D 334 -5.22 26.46 16.19
C LEU D 334 -3.92 26.28 16.99
N PHE D 335 -3.33 27.40 17.42
CA PHE D 335 -2.10 27.38 18.23
C PHE D 335 -2.21 26.56 19.51
N GLU D 336 -3.33 26.73 20.21
CA GLU D 336 -3.61 25.99 21.45
C GLU D 336 -4.18 24.57 21.17
N GLY D 337 -4.24 24.18 19.90
CA GLY D 337 -4.63 22.82 19.48
C GLY D 337 -6.08 22.48 19.76
N ARG D 338 -6.97 23.47 19.64
CA ARG D 338 -8.35 23.35 20.11
C ARG D 338 -9.41 23.19 19.00
N ASN D 339 -8.97 23.26 17.75
CA ASN D 339 -9.83 23.04 16.59
C ASN D 339 -10.03 21.57 16.21
N VAL D 340 -11.29 21.11 16.20
CA VAL D 340 -11.67 19.84 15.55
C VAL D 340 -11.78 20.15 14.07
N GLY D 341 -10.85 19.63 13.26
CA GLY D 341 -10.90 19.90 11.84
C GLY D 341 -10.04 21.09 11.43
N LYS D 342 -9.77 21.18 10.14
CA LYS D 342 -8.73 22.06 9.63
C LYS D 342 -9.23 23.52 9.53
N GLN D 343 -8.39 24.44 10.04
CA GLN D 343 -8.78 25.82 10.39
C GLN D 343 -8.99 26.87 9.23
N VAL D 344 -10.25 27.21 8.99
CA VAL D 344 -10.65 28.08 7.89
C VAL D 344 -11.47 29.31 8.37
N VAL D 345 -11.13 30.49 7.85
CA VAL D 345 -11.91 31.68 8.09
C VAL D 345 -12.58 32.09 6.79
N VAL D 346 -13.92 32.16 6.82
CA VAL D 346 -14.64 32.76 5.71
C VAL D 346 -14.54 34.29 5.87
N VAL D 347 -13.90 34.96 4.92
CA VAL D 347 -13.90 36.41 4.92
C VAL D 347 -15.15 36.84 4.18
N SER D 348 -15.50 36.08 3.13
CA SER D 348 -16.65 36.38 2.26
C SER D 348 -17.14 35.12 1.50
N ARG D 349 -18.46 35.02 1.30
CA ARG D 349 -19.09 33.84 0.67
C ARG D 349 -19.74 34.22 -0.67
#